data_8VHF
#
_entry.id   8VHF
#
_cell.length_a   1.00
_cell.length_b   1.00
_cell.length_c   1.00
_cell.angle_alpha   90.00
_cell.angle_beta   90.00
_cell.angle_gamma   90.00
#
_symmetry.space_group_name_H-M   'P 1'
#
loop_
_entity.id
_entity.type
_entity.pdbx_description
1 polymer 'Guanine nucleotide-binding protein G(I)/G(S)/G(T) subunit beta-1, HiBiT'
2 polymer 'Guanine nucleotide-binding protein G(I)/G(S)/G(O) subunit gamma-2'
3 polymer Nanobody35
4 polymer 'Guanine nucleotide-binding protein G(s) subunit alpha isoforms short'
5 polymer 'Soluble cytochrome b562,Glucose-dependent insulinotropic receptor,LgBiT'
6 non-polymer 2-[1-(5-ethylpyrimidin-2-yl)piperidin-4-yl]-4-[[4-(1,2,3,4-tetrazol-1-yl)phenoxy]methyl]-1,3-thiazole
#
loop_
_entity_poly.entity_id
_entity_poly.type
_entity_poly.pdbx_seq_one_letter_code
_entity_poly.pdbx_strand_id
1 'polypeptide(L)'
;GPGSSGSELDQLRQEAEQLKNQIRDARKACADATLSQITNNIDPVGRIQMRTRRTLRGHLAKIYAMHWGTDSRLLVSASQ
DGKLIIWDSYTTNKVHAIPLRSSWVMTCAYAPSGNYVACGGLDNICSIYNLKTREGNVRVSRELAGHTGYLSCCRFLDDN
QIVTSSGDTTCALWDIETGQQTTTFTGHTGDVMSLSLAPDTRLFVSGACDASAKLWDVREGMCRQTFTGHESDINAICFF
PNGNAFATGSDDATCRLFDLRADQELMTYSHDNIICGITSVSFSKSGRLLLAGYDDFNCNVWDALKADRAGVLAGHDNRV
SCLGVTDDGMAVATGSWDSFLKIWNGSSGGGGSGGGGSSGVSGWRLFKKIS
;
B
2 'polypeptide(L)' MASNNTASIAQARKLVEQLKMEANIDRIKVSKAAADLMAYCEAHAKEDPLLTPVPASENPFREKKFFCAIL C
3 'polypeptide(L)'
;QVQLQESGGGLVQPGGSLRLSCAASGFTFSNYKMNWVRQAPGKGLEWVSDISQSGASISYTGSVKGRFTISRDNAKNTLY
LQMNSLKPEDTAVYYCARCPAPFTRDCFDVTSTTYAYRGQGTQVTVSSHHHHHHEPEA
;
N
4 'polypeptide(L)'
;MGCLGNSKTEDQRNEEKAQREANKKIEKQLQKDKQVYRATHRLLLLGAGESGKNTIVKQMRILHVNGFNGEGGEEDPQAA
RSNSDGEKATKVQDIKNNLKEAIETIVAAMSNLVPPVELANPENQFRVDYILSVMNVPDFDFPPEFYEHAKALWEDEGVR
ACYERSNEYQLIDCAQYFLDKIDVIKQADYVPSDQDLLRCRVLTSGIFETKFQVDKVNFHMFDVGAQRDERRKWIQCFND
VTAIIFVVASSSYNMVIREDNQTNRLQAALKLFDSIWNNKWLRDTSVILFLNKQDLLAEKVLAGKSKIEDYFPEFARYTT
PEDATPEPGEDPRVTRAKYFIRDEFLRISTASGDGRHYCYPHFTCAVDTENIRRVFNDCRDIIQRMHLRQYELL
;
A
5 'polypeptide(L)'
;PGADLEDNWETLNDNLKVIEKADNAAQVKDALTKMRAAALDAQKATPPKLEDKSPDSPEMKDFRHGFDILVGQIDDALKL
ANEGKVKEAQAAAEQLKTTRNAYIQKYLGSPIMESSFSFGVILAVLASLIIATNTLVAVAVLLLIHKNDGVSLCFTLNLA
VADTLIGVAISGLLTDQLSSPSRPTQKTLCSLRMAFVTSSAAASVLTVMLITFDRYLAIKQPFRYLKIMSGFVAGACIAG
LWLVSYLIGFLPLGIPMFQQTAYKGQCSFFAVFHPHFVLTLSCVGFFPAMLLFVFFYCDMLKIASMHSQQIRKMEHAGAM
AGGYRSPRTPSDFKALRTVSVLIGSFALSWTPFLITGIVQVACQECHLYLVLERYLWLLGVGNSLLNPLIYAYWQKEVRL
QLYHMALGVKKVLTSFLLFLSARNCGPERPRESSCHIVTISSSEFDGVFTLEDFVGDWEQTAAYNLDQVLEQGGVSSLLQ
NLAVSVTPIQRIVRSGENALKIDIHVIIPYEGLSADQMAQIEEVFKVVYPVDDHHFKVILPYGTLVIDGVTPNMLNYFGR
PYEGIAVFDGKKITVTGTLWNGNKIIDERLITPDGSMLFRVTINSGGSLEVLFQG
;
R
#
# COMPACT_ATOMS: atom_id res chain seq x y z
N SER A 7 15.84 -28.65 -37.58
CA SER A 7 14.81 -28.06 -38.43
C SER A 7 13.73 -27.38 -37.60
N GLU A 8 12.66 -26.94 -38.28
CA GLU A 8 11.48 -26.29 -37.72
C GLU A 8 11.78 -25.33 -36.56
N LEU A 9 11.33 -25.68 -35.35
CA LEU A 9 11.44 -24.76 -34.22
C LEU A 9 12.90 -24.46 -33.87
N ASP A 10 13.75 -25.49 -33.83
CA ASP A 10 15.15 -25.26 -33.50
C ASP A 10 15.84 -24.44 -34.58
N GLN A 11 15.52 -24.68 -35.85
CA GLN A 11 16.12 -23.93 -36.94
C GLN A 11 15.73 -22.46 -36.88
N LEU A 12 14.44 -22.19 -36.64
CA LEU A 12 14.03 -20.79 -36.52
C LEU A 12 14.62 -20.15 -35.26
N ARG A 13 14.78 -20.92 -34.18
CA ARG A 13 15.42 -20.38 -32.98
C ARG A 13 16.87 -19.98 -33.24
N GLN A 14 17.62 -20.83 -33.93
CA GLN A 14 19.02 -20.50 -34.18
C GLN A 14 19.16 -19.36 -35.19
N GLU A 15 18.27 -19.29 -36.18
CA GLU A 15 18.33 -18.16 -37.11
C GLU A 15 17.90 -16.87 -36.41
N ALA A 16 16.97 -16.97 -35.45
CA ALA A 16 16.60 -15.79 -34.65
C ALA A 16 17.76 -15.33 -33.78
N GLU A 17 18.51 -16.28 -33.20
CA GLU A 17 19.71 -15.90 -32.47
C GLU A 17 20.76 -15.27 -33.39
N GLN A 18 20.85 -15.75 -34.63
CA GLN A 18 21.72 -15.12 -35.60
C GLN A 18 21.31 -13.68 -35.87
N LEU A 19 20.00 -13.44 -36.03
CA LEU A 19 19.53 -12.07 -36.17
C LEU A 19 19.82 -11.25 -34.92
N LYS A 20 19.68 -11.87 -33.74
CA LYS A 20 19.88 -11.16 -32.48
C LYS A 20 21.31 -10.67 -32.34
N ASN A 21 22.29 -11.56 -32.53
CA ASN A 21 23.66 -11.08 -32.38
C ASN A 21 24.12 -10.29 -33.60
N GLN A 22 23.47 -10.44 -34.76
CA GLN A 22 23.77 -9.55 -35.88
C GLN A 22 23.34 -8.12 -35.58
N ILE A 23 22.14 -7.93 -35.06
CA ILE A 23 21.70 -6.57 -34.73
C ILE A 23 22.44 -6.06 -33.51
N ARG A 24 22.90 -6.94 -32.61
CA ARG A 24 23.76 -6.50 -31.53
C ARG A 24 25.09 -5.99 -32.06
N ASP A 25 25.67 -6.67 -33.05
CA ASP A 25 26.90 -6.19 -33.67
C ASP A 25 26.66 -4.87 -34.39
N ALA A 26 25.50 -4.72 -35.05
CA ALA A 26 25.17 -3.45 -35.69
C ALA A 26 25.05 -2.32 -34.67
N ARG A 27 24.41 -2.60 -33.53
CA ARG A 27 24.28 -1.60 -32.47
C ARG A 27 25.64 -1.22 -31.91
N LYS A 28 26.52 -2.19 -31.73
CA LYS A 28 27.88 -1.89 -31.28
C LYS A 28 28.64 -1.07 -32.32
N ALA A 29 28.44 -1.36 -33.60
CA ALA A 29 29.12 -0.62 -34.65
C ALA A 29 28.64 0.83 -34.70
N CYS A 30 27.34 1.06 -34.54
CA CYS A 30 26.83 2.42 -34.56
C CYS A 30 27.05 3.17 -33.25
N ALA A 31 27.45 2.47 -32.19
CA ALA A 31 27.71 3.10 -30.89
C ALA A 31 29.17 3.55 -30.84
N ASP A 32 29.44 4.67 -31.51
CA ASP A 32 30.79 5.22 -31.52
C ASP A 32 31.14 5.90 -30.20
N ALA A 33 30.14 6.46 -29.51
CA ALA A 33 30.37 7.11 -28.24
C ALA A 33 29.08 7.03 -27.42
N THR A 34 29.13 7.57 -26.20
CA THR A 34 27.99 7.60 -25.30
C THR A 34 27.59 9.04 -25.03
N LEU A 35 26.43 9.20 -24.36
CA LEU A 35 25.95 10.53 -24.01
C LEU A 35 26.78 11.18 -22.92
N SER A 36 27.49 10.38 -22.11
CA SER A 36 28.26 10.94 -21.00
C SER A 36 29.47 11.72 -21.50
N GLN A 37 30.23 11.12 -22.43
CA GLN A 37 31.44 11.76 -22.93
C GLN A 37 31.16 12.92 -23.89
N ILE A 38 29.93 13.02 -24.41
CA ILE A 38 29.56 14.13 -25.27
C ILE A 38 28.87 15.26 -24.51
N THR A 39 28.42 15.01 -23.28
CA THR A 39 27.80 16.03 -22.46
C THR A 39 28.57 16.28 -21.17
N ASN A 40 29.81 15.78 -21.08
CA ASN A 40 30.62 16.03 -19.90
C ASN A 40 31.01 17.49 -19.78
N ASN A 41 31.18 18.18 -20.91
CA ASN A 41 31.55 19.59 -20.93
C ASN A 41 30.35 20.52 -20.79
N ILE A 42 29.13 19.97 -20.73
CA ILE A 42 27.95 20.82 -20.60
C ILE A 42 27.85 21.36 -19.17
N ASP A 43 27.14 22.47 -19.04
CA ASP A 43 26.92 23.05 -17.73
C ASP A 43 25.79 22.31 -17.01
N PRO A 44 26.04 21.78 -15.81
CA PRO A 44 24.99 21.05 -15.10
C PRO A 44 23.90 22.00 -14.61
N VAL A 45 22.71 21.43 -14.41
CA VAL A 45 21.57 22.19 -13.90
C VAL A 45 21.73 22.55 -12.43
N GLY A 46 22.67 21.94 -11.73
CA GLY A 46 22.88 22.23 -10.32
C GLY A 46 21.78 21.63 -9.45
N ARG A 47 21.83 21.99 -8.18
CA ARG A 47 20.83 21.54 -7.22
C ARG A 47 19.61 22.44 -7.38
N ILE A 48 18.49 21.84 -7.77
CA ILE A 48 17.23 22.56 -7.89
C ILE A 48 16.28 22.05 -6.82
N GLN A 49 15.30 22.89 -6.49
CA GLN A 49 14.27 22.53 -5.53
C GLN A 49 12.98 23.20 -5.95
N MET A 50 11.85 22.62 -5.55
CA MET A 50 10.55 23.19 -5.86
C MET A 50 9.55 22.73 -4.81
N ARG A 51 8.85 23.70 -4.21
CA ARG A 51 7.94 23.46 -3.12
C ARG A 51 6.56 23.10 -3.64
N THR A 52 5.72 22.60 -2.73
CA THR A 52 4.33 22.33 -3.07
C THR A 52 3.55 23.63 -3.20
N ARG A 53 2.70 23.70 -4.23
CA ARG A 53 1.82 24.83 -4.43
C ARG A 53 0.38 24.51 -4.02
N ARG A 54 -0.13 23.36 -4.43
CA ARG A 54 -1.47 22.93 -4.06
C ARG A 54 -1.44 21.47 -3.64
N THR A 55 -2.28 21.16 -2.65
CA THR A 55 -2.44 19.81 -2.10
C THR A 55 -3.88 19.40 -2.34
N LEU A 56 -4.12 18.83 -3.52
CA LEU A 56 -5.45 18.37 -3.90
C LEU A 56 -5.84 17.18 -3.05
N ARG A 57 -6.99 17.28 -2.40
CA ARG A 57 -7.41 16.34 -1.37
C ARG A 57 -8.91 16.13 -1.46
N GLY A 58 -9.35 14.91 -1.15
CA GLY A 58 -10.75 14.55 -1.26
C GLY A 58 -10.90 13.11 -1.69
N HIS A 59 -9.82 12.51 -2.17
CA HIS A 59 -9.81 11.10 -2.49
C HIS A 59 -9.72 10.27 -1.21
N LEU A 60 -10.11 9.00 -1.32
CA LEU A 60 -9.99 8.06 -0.21
C LEU A 60 -8.99 6.95 -0.52
N ALA A 61 -9.17 6.24 -1.64
CA ALA A 61 -8.29 5.15 -1.99
C ALA A 61 -7.07 5.68 -2.72
N LYS A 62 -6.20 4.76 -3.15
CA LYS A 62 -4.94 5.14 -3.77
C LYS A 62 -5.18 5.74 -5.15
N ILE A 63 -4.55 6.90 -5.39
CA ILE A 63 -4.59 7.51 -6.72
C ILE A 63 -3.69 6.71 -7.65
N TYR A 64 -4.22 6.31 -8.80
CA TYR A 64 -3.49 5.46 -9.72
C TYR A 64 -2.98 6.16 -10.97
N ALA A 65 -3.62 7.22 -11.43
CA ALA A 65 -3.18 7.88 -12.65
C ALA A 65 -3.73 9.30 -12.69
N MET A 66 -3.26 10.07 -13.67
CA MET A 66 -3.72 11.43 -13.88
C MET A 66 -3.36 11.83 -15.30
N HIS A 67 -3.86 12.99 -15.72
CA HIS A 67 -3.53 13.55 -17.02
C HIS A 67 -3.96 15.01 -17.04
N TRP A 68 -3.07 15.87 -17.53
CA TRP A 68 -3.43 17.27 -17.73
C TRP A 68 -4.21 17.43 -19.04
N GLY A 69 -4.56 18.68 -19.33
CA GLY A 69 -5.15 19.04 -20.60
C GLY A 69 -4.22 19.94 -21.41
N THR A 70 -4.69 20.30 -22.60
CA THR A 70 -3.92 21.19 -23.45
C THR A 70 -3.81 22.58 -22.85
N ASP A 71 -4.83 23.03 -22.13
CA ASP A 71 -4.80 24.32 -21.46
C ASP A 71 -3.97 24.30 -20.19
N SER A 72 -3.57 23.12 -19.71
CA SER A 72 -2.77 22.96 -18.50
C SER A 72 -3.46 23.59 -17.29
N ARG A 73 -4.78 23.46 -17.23
CA ARG A 73 -5.58 24.02 -16.15
C ARG A 73 -6.36 22.97 -15.38
N LEU A 74 -6.96 22.00 -16.06
CA LEU A 74 -7.77 20.97 -15.43
C LEU A 74 -7.06 19.63 -15.56
N LEU A 75 -6.68 19.05 -14.43
CA LEU A 75 -6.01 17.76 -14.40
C LEU A 75 -6.97 16.70 -13.89
N VAL A 76 -7.03 15.57 -14.59
CA VAL A 76 -7.90 14.48 -14.19
C VAL A 76 -7.21 13.65 -13.11
N SER A 77 -8.00 12.89 -12.37
CA SER A 77 -7.45 12.01 -11.33
C SER A 77 -8.38 10.84 -11.13
N ALA A 78 -7.81 9.66 -10.90
CA ALA A 78 -8.57 8.45 -10.73
C ALA A 78 -8.01 7.65 -9.56
N SER A 79 -8.91 7.05 -8.78
CA SER A 79 -8.53 6.26 -7.62
C SER A 79 -9.41 5.02 -7.56
N GLN A 80 -9.16 4.20 -6.55
CA GLN A 80 -9.89 2.95 -6.37
C GLN A 80 -11.15 3.13 -5.53
N ASP A 81 -11.47 4.37 -5.14
CA ASP A 81 -12.67 4.60 -4.35
C ASP A 81 -13.95 4.31 -5.11
N GLY A 82 -13.93 4.48 -6.44
CA GLY A 82 -15.10 4.27 -7.26
C GLY A 82 -15.47 5.45 -8.13
N LYS A 83 -14.80 6.59 -8.04
CA LYS A 83 -15.07 7.71 -8.92
C LYS A 83 -13.78 8.38 -9.35
N LEU A 84 -13.88 9.15 -10.42
CA LEU A 84 -12.77 9.85 -11.04
C LEU A 84 -13.06 11.35 -10.96
N ILE A 85 -12.10 12.10 -10.44
CA ILE A 85 -12.29 13.52 -10.11
C ILE A 85 -11.53 14.36 -11.14
N ILE A 86 -12.22 15.33 -11.72
CA ILE A 86 -11.60 16.31 -12.61
C ILE A 86 -11.46 17.60 -11.80
N TRP A 87 -10.23 17.95 -11.45
CA TRP A 87 -9.96 19.06 -10.56
C TRP A 87 -9.69 20.34 -11.35
N ASP A 88 -9.29 21.38 -10.62
CA ASP A 88 -8.72 22.59 -11.18
C ASP A 88 -7.36 22.81 -10.56
N SER A 89 -6.34 23.05 -11.39
CA SER A 89 -4.99 23.22 -10.88
C SER A 89 -4.90 24.45 -9.98
N TYR A 90 -5.53 25.55 -10.39
CA TYR A 90 -5.60 26.74 -9.56
C TYR A 90 -6.90 26.76 -8.78
N THR A 91 -6.85 27.31 -7.57
CA THR A 91 -7.96 27.44 -6.63
C THR A 91 -8.54 26.09 -6.20
N THR A 92 -7.87 24.98 -6.55
CA THR A 92 -8.09 23.61 -6.04
C THR A 92 -9.56 23.17 -6.05
N ASN A 93 -10.40 23.82 -6.84
CA ASN A 93 -11.81 23.47 -6.89
C ASN A 93 -12.02 22.18 -7.68
N LYS A 94 -12.88 21.30 -7.16
CA LYS A 94 -13.24 20.07 -7.84
C LYS A 94 -14.27 20.40 -8.91
N VAL A 95 -13.84 20.41 -10.17
CA VAL A 95 -14.74 20.78 -11.26
C VAL A 95 -15.79 19.69 -11.47
N HIS A 96 -15.37 18.43 -11.48
CA HIS A 96 -16.27 17.33 -11.79
C HIS A 96 -15.91 16.09 -10.99
N ALA A 97 -16.88 15.21 -10.82
CA ALA A 97 -16.65 13.92 -10.16
C ALA A 97 -17.59 12.90 -10.79
N ILE A 98 -17.05 12.02 -11.62
CA ILE A 98 -17.84 11.01 -12.33
C ILE A 98 -17.68 9.68 -11.60
N PRO A 99 -18.74 9.11 -11.05
CA PRO A 99 -18.63 7.78 -10.46
C PRO A 99 -18.43 6.71 -11.52
N LEU A 100 -17.80 5.62 -11.12
CA LEU A 100 -17.43 4.54 -12.02
C LEU A 100 -18.17 3.26 -11.64
N ARG A 101 -18.50 2.47 -12.65
CA ARG A 101 -19.15 1.19 -12.41
C ARG A 101 -18.22 0.23 -11.66
N SER A 102 -16.96 0.20 -12.04
CA SER A 102 -15.97 -0.66 -11.39
C SER A 102 -15.28 0.07 -10.26
N SER A 103 -14.93 -0.69 -9.21
CA SER A 103 -14.34 -0.07 -8.02
C SER A 103 -12.92 0.41 -8.27
N TRP A 104 -12.08 -0.41 -8.90
CA TRP A 104 -10.68 -0.07 -9.14
C TRP A 104 -10.47 0.22 -10.61
N VAL A 105 -9.82 1.35 -10.89
CA VAL A 105 -9.36 1.71 -12.23
C VAL A 105 -7.88 2.03 -12.15
N MET A 106 -7.17 1.71 -13.23
CA MET A 106 -5.72 1.83 -13.25
C MET A 106 -5.22 2.99 -14.11
N THR A 107 -6.09 3.67 -14.84
CA THR A 107 -5.64 4.74 -15.71
C THR A 107 -6.78 5.70 -15.99
N CYS A 108 -6.39 6.88 -16.47
CA CYS A 108 -7.34 7.88 -16.94
C CYS A 108 -6.67 8.67 -18.06
N ALA A 109 -7.50 9.27 -18.90
CA ALA A 109 -7.00 10.05 -20.02
C ALA A 109 -7.84 11.31 -20.19
N TYR A 110 -7.17 12.42 -20.45
CA TYR A 110 -7.82 13.69 -20.75
C TYR A 110 -7.61 14.00 -22.21
N ALA A 111 -8.71 14.16 -22.95
CA ALA A 111 -8.61 14.43 -24.38
C ALA A 111 -8.01 15.81 -24.62
N PRO A 112 -7.28 15.98 -25.72
CA PRO A 112 -6.73 17.32 -26.01
C PRO A 112 -7.78 18.39 -26.15
N SER A 113 -8.97 18.05 -26.68
CA SER A 113 -10.06 19.01 -26.75
C SER A 113 -10.73 19.23 -25.39
N GLY A 114 -10.56 18.30 -24.46
CA GLY A 114 -11.18 18.41 -23.15
C GLY A 114 -12.62 17.97 -23.10
N ASN A 115 -13.21 17.55 -24.21
CA ASN A 115 -14.61 17.13 -24.22
C ASN A 115 -14.78 15.75 -23.61
N TYR A 116 -13.85 14.83 -23.87
CA TYR A 116 -13.98 13.43 -23.49
C TYR A 116 -12.97 13.08 -22.41
N VAL A 117 -13.36 12.15 -21.54
CA VAL A 117 -12.49 11.66 -20.48
C VAL A 117 -12.54 10.14 -20.50
N ALA A 118 -11.39 9.50 -20.66
CA ALA A 118 -11.30 8.05 -20.71
C ALA A 118 -10.85 7.49 -19.38
N CYS A 119 -11.27 6.26 -19.09
CA CYS A 119 -10.91 5.59 -17.85
C CYS A 119 -11.09 4.09 -18.05
N GLY A 120 -10.50 3.33 -17.14
CA GLY A 120 -10.61 1.89 -17.22
C GLY A 120 -9.73 1.22 -16.19
N GLY A 121 -9.97 -0.08 -16.01
CA GLY A 121 -9.23 -0.83 -15.02
C GLY A 121 -9.45 -2.33 -15.11
N LEU A 122 -9.63 -2.99 -13.96
CA LEU A 122 -9.76 -4.43 -13.93
C LEU A 122 -11.08 -4.92 -14.53
N ASP A 123 -12.03 -4.03 -14.79
CA ASP A 123 -13.28 -4.43 -15.44
C ASP A 123 -13.10 -4.80 -16.91
N ASN A 124 -11.91 -4.58 -17.48
CA ASN A 124 -11.56 -4.91 -18.85
C ASN A 124 -12.38 -4.14 -19.87
N ILE A 125 -12.95 -3.01 -19.48
CA ILE A 125 -13.79 -2.19 -20.36
C ILE A 125 -13.31 -0.76 -20.26
N CYS A 126 -13.03 -0.14 -21.41
CA CYS A 126 -12.60 1.25 -21.44
C CYS A 126 -13.86 2.14 -21.49
N SER A 127 -14.12 2.86 -20.41
CA SER A 127 -15.30 3.72 -20.32
C SER A 127 -14.89 5.16 -20.61
N ILE A 128 -15.56 5.78 -21.58
CA ILE A 128 -15.28 7.15 -21.97
C ILE A 128 -16.53 7.97 -21.74
N TYR A 129 -16.38 9.07 -21.00
CA TYR A 129 -17.46 9.96 -20.60
C TYR A 129 -17.34 11.29 -21.33
N ASN A 130 -18.48 11.92 -21.57
CA ASN A 130 -18.49 13.27 -22.09
C ASN A 130 -18.28 14.27 -20.95
N LEU A 131 -18.16 15.54 -21.31
CA LEU A 131 -18.09 16.63 -20.34
C LEU A 131 -18.99 17.80 -20.66
N LYS A 132 -19.43 17.97 -21.91
CA LYS A 132 -20.24 19.11 -22.29
C LYS A 132 -21.60 18.67 -22.82
N THR A 133 -22.26 17.75 -22.13
CA THR A 133 -23.58 17.31 -22.52
C THR A 133 -24.60 18.42 -22.30
N ARG A 134 -25.71 18.33 -23.05
CA ARG A 134 -26.80 19.30 -22.89
C ARG A 134 -27.47 19.19 -21.53
N GLU A 135 -27.34 18.05 -20.85
CA GLU A 135 -27.89 17.91 -19.50
C GLU A 135 -27.13 18.75 -18.49
N GLY A 136 -25.86 19.07 -18.76
CA GLY A 136 -25.02 19.77 -17.81
C GLY A 136 -24.30 18.87 -16.84
N ASN A 137 -24.54 17.57 -16.88
CA ASN A 137 -23.89 16.60 -16.00
C ASN A 137 -23.08 15.62 -16.85
N VAL A 138 -22.47 14.65 -16.18
CA VAL A 138 -21.61 13.67 -16.83
C VAL A 138 -22.38 12.37 -17.00
N ARG A 139 -22.03 11.61 -18.03
CA ARG A 139 -22.70 10.35 -18.32
C ARG A 139 -21.76 9.48 -19.14
N VAL A 140 -22.09 8.18 -19.19
CA VAL A 140 -21.32 7.24 -20.00
C VAL A 140 -21.58 7.50 -21.47
N SER A 141 -20.52 7.79 -22.22
CA SER A 141 -20.62 7.97 -23.66
C SER A 141 -20.36 6.68 -24.41
N ARG A 142 -19.18 6.09 -24.20
CA ARG A 142 -18.83 4.84 -24.87
C ARG A 142 -18.26 3.85 -23.85
N GLU A 143 -18.49 2.56 -24.11
CA GLU A 143 -17.95 1.49 -23.29
C GLU A 143 -17.30 0.48 -24.23
N LEU A 144 -16.01 0.72 -24.53
CA LEU A 144 -15.28 -0.19 -25.40
C LEU A 144 -14.97 -1.49 -24.68
N ALA A 145 -15.27 -2.61 -25.33
CA ALA A 145 -15.06 -3.94 -24.77
C ALA A 145 -14.39 -4.83 -25.81
N GLY A 146 -13.76 -5.88 -25.32
CA GLY A 146 -13.05 -6.80 -26.19
C GLY A 146 -11.75 -7.28 -25.57
N HIS A 147 -11.19 -6.48 -24.67
CA HIS A 147 -9.99 -6.86 -23.96
C HIS A 147 -10.33 -7.89 -22.88
N THR A 148 -9.56 -8.97 -22.83
CA THR A 148 -9.70 -9.97 -21.77
C THR A 148 -8.70 -9.77 -20.64
N GLY A 149 -7.95 -8.67 -20.66
CA GLY A 149 -7.01 -8.36 -19.61
C GLY A 149 -7.25 -6.95 -19.08
N TYR A 150 -6.64 -6.68 -17.93
CA TYR A 150 -6.82 -5.39 -17.28
C TYR A 150 -6.19 -4.28 -18.12
N LEU A 151 -6.87 -3.14 -18.17
CA LEU A 151 -6.34 -1.96 -18.86
C LEU A 151 -5.40 -1.20 -17.92
N SER A 152 -4.22 -0.86 -18.43
CA SER A 152 -3.19 -0.22 -17.62
C SER A 152 -2.93 1.23 -18.00
N CYS A 153 -3.10 1.60 -19.26
CA CYS A 153 -2.88 2.98 -19.68
C CYS A 153 -3.68 3.26 -20.93
N CYS A 154 -4.27 4.45 -21.00
CA CYS A 154 -5.01 4.91 -22.16
C CYS A 154 -4.55 6.32 -22.52
N ARG A 155 -4.52 6.61 -23.82
CA ARG A 155 -4.12 7.92 -24.30
C ARG A 155 -5.06 8.36 -25.41
N PHE A 156 -5.08 9.66 -25.67
CA PHE A 156 -5.98 10.26 -26.64
C PHE A 156 -5.19 10.87 -27.79
N LEU A 157 -5.60 10.56 -29.01
CA LEU A 157 -5.09 11.25 -30.20
C LEU A 157 -6.03 12.41 -30.56
N ASP A 158 -7.30 12.10 -30.75
CA ASP A 158 -8.35 13.09 -30.90
C ASP A 158 -9.63 12.48 -30.33
N ASP A 159 -10.76 13.13 -30.56
CA ASP A 159 -12.03 12.56 -30.11
C ASP A 159 -12.66 11.69 -31.21
N ASN A 160 -11.83 10.85 -31.82
CA ASN A 160 -12.30 9.82 -32.74
C ASN A 160 -11.50 8.53 -32.62
N GLN A 161 -10.45 8.49 -31.81
CA GLN A 161 -9.55 7.34 -31.75
C GLN A 161 -8.88 7.34 -30.39
N ILE A 162 -8.83 6.17 -29.75
CA ILE A 162 -8.16 6.03 -28.46
C ILE A 162 -7.26 4.80 -28.51
N VAL A 163 -6.03 4.96 -28.04
CA VAL A 163 -5.12 3.84 -27.87
C VAL A 163 -5.14 3.39 -26.42
N THR A 164 -5.42 2.11 -26.21
CA THR A 164 -5.50 1.54 -24.87
C THR A 164 -4.51 0.40 -24.74
N SER A 165 -3.78 0.40 -23.63
CA SER A 165 -2.83 -0.65 -23.29
C SER A 165 -3.52 -1.60 -22.31
N SER A 166 -3.49 -2.89 -22.61
CA SER A 166 -4.21 -3.87 -21.83
C SER A 166 -3.25 -4.89 -21.23
N GLY A 167 -3.80 -5.75 -20.37
CA GLY A 167 -3.08 -6.87 -19.81
C GLY A 167 -3.11 -8.11 -20.66
N ASP A 168 -3.65 -8.03 -21.86
CA ASP A 168 -3.67 -9.14 -22.81
C ASP A 168 -2.37 -9.27 -23.59
N THR A 169 -1.32 -8.56 -23.18
CA THR A 169 -0.04 -8.45 -23.88
C THR A 169 -0.18 -7.83 -25.26
N THR A 170 -1.32 -7.19 -25.53
CA THR A 170 -1.55 -6.50 -26.80
C THR A 170 -2.04 -5.08 -26.52
N CYS A 171 -1.83 -4.20 -27.50
CA CYS A 171 -2.38 -2.86 -27.46
C CYS A 171 -3.53 -2.76 -28.46
N ALA A 172 -4.40 -1.76 -28.27
CA ALA A 172 -5.53 -1.61 -29.15
C ALA A 172 -5.72 -0.15 -29.53
N LEU A 173 -6.22 0.06 -30.75
CA LEU A 173 -6.63 1.37 -31.24
C LEU A 173 -8.08 1.28 -31.65
N TRP A 174 -8.94 2.02 -30.95
CA TRP A 174 -10.38 1.98 -31.15
C TRP A 174 -10.88 3.29 -31.74
N ASP A 175 -11.98 3.19 -32.49
CA ASP A 175 -12.76 4.33 -32.91
C ASP A 175 -13.90 4.56 -31.93
N ILE A 176 -14.24 5.83 -31.71
CA ILE A 176 -15.17 6.18 -30.64
C ILE A 176 -16.58 5.73 -30.97
N GLU A 177 -17.07 6.08 -32.17
CA GLU A 177 -18.45 5.78 -32.52
C GLU A 177 -18.65 4.31 -32.85
N THR A 178 -17.69 3.71 -33.57
CA THR A 178 -17.82 2.30 -33.94
C THR A 178 -17.75 1.40 -32.70
N GLY A 179 -16.87 1.73 -31.76
CA GLY A 179 -16.72 0.92 -30.57
C GLY A 179 -15.97 -0.37 -30.75
N GLN A 180 -15.35 -0.58 -31.91
CA GLN A 180 -14.61 -1.79 -32.21
C GLN A 180 -13.12 -1.47 -32.35
N GLN A 181 -12.30 -2.52 -32.21
CA GLN A 181 -10.86 -2.38 -32.35
C GLN A 181 -10.52 -2.11 -33.80
N THR A 182 -10.21 -0.85 -34.12
CA THR A 182 -9.75 -0.54 -35.46
C THR A 182 -8.41 -1.21 -35.75
N THR A 183 -7.49 -1.18 -34.80
CA THR A 183 -6.18 -1.78 -34.96
C THR A 183 -5.80 -2.56 -33.70
N THR A 184 -5.12 -3.69 -33.89
CA THR A 184 -4.60 -4.49 -32.79
C THR A 184 -3.10 -4.62 -32.93
N PHE A 185 -2.37 -4.29 -31.87
CA PHE A 185 -0.91 -4.32 -31.85
C PHE A 185 -0.46 -5.53 -31.05
N THR A 186 0.18 -6.48 -31.72
CA THR A 186 0.70 -7.70 -31.10
C THR A 186 2.18 -7.84 -31.44
N GLY A 187 2.87 -8.63 -30.62
CA GLY A 187 4.30 -8.78 -30.73
C GLY A 187 4.94 -8.80 -29.36
N HIS A 188 4.09 -8.72 -28.34
CA HIS A 188 4.51 -8.65 -26.95
C HIS A 188 4.03 -9.89 -26.20
N THR A 189 4.74 -10.20 -25.12
CA THR A 189 4.46 -11.41 -24.35
C THR A 189 4.19 -11.14 -22.87
N GLY A 190 4.53 -9.96 -22.35
CA GLY A 190 4.21 -9.59 -20.99
C GLY A 190 3.07 -8.60 -20.95
N ASP A 191 2.58 -8.35 -19.74
CA ASP A 191 1.48 -7.40 -19.54
C ASP A 191 1.95 -5.99 -19.91
N VAL A 192 1.33 -5.42 -20.93
CA VAL A 192 1.72 -4.09 -21.41
C VAL A 192 1.18 -3.06 -20.43
N MET A 193 2.06 -2.19 -19.94
CA MET A 193 1.72 -1.30 -18.83
C MET A 193 1.53 0.15 -19.28
N SER A 194 2.53 0.74 -19.93
CA SER A 194 2.45 2.15 -20.27
C SER A 194 2.71 2.33 -21.76
N LEU A 195 1.86 3.10 -22.40
CA LEU A 195 2.05 3.56 -23.77
C LEU A 195 2.01 5.08 -23.77
N SER A 196 2.92 5.68 -24.53
CA SER A 196 3.03 7.14 -24.60
C SER A 196 3.10 7.56 -26.06
N LEU A 197 2.43 8.66 -26.37
CA LEU A 197 2.30 9.14 -27.73
C LEU A 197 3.35 10.21 -28.04
N ALA A 198 3.86 10.16 -29.26
CA ALA A 198 4.82 11.16 -29.71
C ALA A 198 4.12 12.50 -29.93
N PRO A 199 4.85 13.60 -29.84
CA PRO A 199 4.23 14.92 -30.08
C PRO A 199 3.62 15.08 -31.46
N ASP A 200 4.12 14.37 -32.48
CA ASP A 200 3.51 14.41 -33.79
C ASP A 200 2.33 13.45 -33.91
N THR A 201 2.04 12.69 -32.86
CA THR A 201 0.88 11.78 -32.80
C THR A 201 0.87 10.79 -33.95
N ARG A 202 2.04 10.26 -34.28
CA ARG A 202 2.18 9.25 -35.32
C ARG A 202 2.62 7.90 -34.78
N LEU A 203 3.60 7.88 -33.89
CA LEU A 203 4.12 6.64 -33.31
C LEU A 203 3.96 6.68 -31.80
N PHE A 204 3.60 5.55 -31.21
CA PHE A 204 3.45 5.46 -29.76
C PHE A 204 4.26 4.29 -29.23
N VAL A 205 4.93 4.50 -28.10
CA VAL A 205 5.81 3.49 -27.52
C VAL A 205 5.10 2.82 -26.35
N SER A 206 5.17 1.49 -26.32
CA SER A 206 4.53 0.68 -25.29
C SER A 206 5.54 -0.23 -24.64
N GLY A 207 5.40 -0.40 -23.32
CA GLY A 207 6.32 -1.23 -22.55
C GLY A 207 5.64 -2.31 -21.72
N ALA A 208 5.99 -3.56 -21.94
CA ALA A 208 5.33 -4.69 -21.30
C ALA A 208 6.09 -5.16 -20.07
N CYS A 209 5.77 -6.37 -19.63
CA CYS A 209 6.41 -7.03 -18.50
C CYS A 209 7.56 -7.93 -18.90
N ASP A 210 8.06 -7.79 -20.13
CA ASP A 210 9.18 -8.60 -20.61
C ASP A 210 10.45 -7.79 -20.78
N ALA A 211 10.55 -6.64 -20.11
CA ALA A 211 11.70 -5.73 -20.20
C ALA A 211 11.97 -5.31 -21.65
N SER A 212 10.90 -5.10 -22.41
CA SER A 212 11.01 -4.72 -23.81
C SER A 212 9.99 -3.63 -24.11
N ALA A 213 10.46 -2.52 -24.67
CA ALA A 213 9.59 -1.41 -25.08
C ALA A 213 9.73 -1.19 -26.57
N LYS A 214 8.61 -1.11 -27.27
CA LYS A 214 8.68 -0.91 -28.72
C LYS A 214 7.68 0.13 -29.18
N LEU A 215 8.00 0.76 -30.29
CA LEU A 215 7.12 1.75 -30.91
C LEU A 215 6.21 1.07 -31.93
N TRP A 216 5.02 1.64 -32.09
CA TRP A 216 4.05 1.17 -33.06
C TRP A 216 3.53 2.37 -33.84
N ASP A 217 3.21 2.13 -35.11
CA ASP A 217 2.61 3.13 -35.96
C ASP A 217 1.09 2.94 -35.95
N VAL A 218 0.36 4.04 -35.74
CA VAL A 218 -1.08 3.98 -35.58
C VAL A 218 -1.82 3.68 -36.88
N ARG A 219 -1.14 3.75 -38.03
CA ARG A 219 -1.82 3.56 -39.31
C ARG A 219 -1.77 2.11 -39.78
N GLU A 220 -0.57 1.58 -40.00
CA GLU A 220 -0.45 0.20 -40.47
C GLU A 220 -0.46 -0.82 -39.34
N GLY A 221 -0.30 -0.38 -38.09
CA GLY A 221 -0.35 -1.29 -36.95
C GLY A 221 0.73 -2.35 -36.92
N MET A 222 1.96 -1.97 -37.24
CA MET A 222 3.10 -2.88 -37.21
C MET A 222 4.22 -2.27 -36.37
N CYS A 223 4.84 -3.10 -35.53
CA CYS A 223 5.99 -2.65 -34.77
C CYS A 223 7.18 -2.43 -35.69
N ARG A 224 7.86 -1.30 -35.50
CA ARG A 224 9.01 -0.96 -36.33
C ARG A 224 10.33 -1.28 -35.65
N GLN A 225 10.57 -0.71 -34.47
CA GLN A 225 11.81 -0.91 -33.74
C GLN A 225 11.49 -1.37 -32.32
N THR A 226 12.09 -2.49 -31.92
CA THR A 226 12.01 -2.93 -30.54
C THR A 226 13.16 -2.33 -29.74
N PHE A 227 13.05 -2.40 -28.42
CA PHE A 227 14.06 -1.86 -27.53
C PHE A 227 14.16 -2.77 -26.32
N THR A 228 15.22 -3.57 -26.26
CA THR A 228 15.50 -4.46 -25.15
C THR A 228 16.77 -4.00 -24.46
N GLY A 229 17.09 -4.66 -23.35
CA GLY A 229 18.30 -4.33 -22.62
C GLY A 229 18.03 -3.98 -21.18
N HIS A 230 16.78 -4.10 -20.75
CA HIS A 230 16.41 -3.79 -19.38
C HIS A 230 16.51 -5.06 -18.53
N GLU A 231 16.05 -4.95 -17.29
CA GLU A 231 16.21 -6.03 -16.33
C GLU A 231 14.91 -6.58 -15.76
N SER A 232 13.82 -5.82 -15.81
CA SER A 232 12.55 -6.24 -15.24
C SER A 232 11.42 -5.53 -15.97
N ASP A 233 10.21 -5.67 -15.45
CA ASP A 233 9.03 -5.16 -16.13
C ASP A 233 9.01 -3.63 -16.12
N ILE A 234 8.84 -3.05 -17.31
CA ILE A 234 8.80 -1.60 -17.46
C ILE A 234 7.42 -1.08 -17.05
N ASN A 235 7.40 -0.06 -16.20
CA ASN A 235 6.16 0.47 -15.65
C ASN A 235 5.67 1.74 -16.32
N ALA A 236 6.58 2.63 -16.73
CA ALA A 236 6.15 3.93 -17.26
C ALA A 236 7.12 4.40 -18.34
N ILE A 237 6.57 5.00 -19.39
CA ILE A 237 7.35 5.57 -20.49
C ILE A 237 6.79 6.94 -20.84
N CYS A 238 7.68 7.88 -21.16
CA CYS A 238 7.30 9.17 -21.71
C CYS A 238 8.22 9.51 -22.88
N PHE A 239 7.66 10.10 -23.92
CA PHE A 239 8.44 10.58 -25.05
C PHE A 239 9.25 11.82 -24.69
N PHE A 240 10.37 11.98 -25.39
CA PHE A 240 11.10 13.23 -25.36
C PHE A 240 10.26 14.30 -26.05
N PRO A 241 10.42 15.57 -25.67
CA PRO A 241 9.62 16.64 -26.30
C PRO A 241 9.82 16.75 -27.80
N ASN A 242 10.99 16.38 -28.33
CA ASN A 242 11.20 16.42 -29.77
C ASN A 242 10.60 15.22 -30.49
N GLY A 243 10.21 14.17 -29.76
CA GLY A 243 9.60 13.01 -30.37
C GLY A 243 10.55 11.99 -30.94
N ASN A 244 11.86 12.11 -30.68
CA ASN A 244 12.84 11.19 -31.20
C ASN A 244 13.59 10.42 -30.11
N ALA A 245 13.04 10.39 -28.90
CA ALA A 245 13.62 9.63 -27.81
C ALA A 245 12.54 9.34 -26.79
N PHE A 246 12.79 8.37 -25.92
CA PHE A 246 11.84 8.03 -24.88
C PHE A 246 12.54 7.37 -23.71
N ALA A 247 12.07 7.65 -22.51
CA ALA A 247 12.68 7.14 -21.28
C ALA A 247 11.77 6.11 -20.64
N THR A 248 12.38 5.04 -20.12
CA THR A 248 11.65 3.94 -19.50
C THR A 248 12.11 3.78 -18.07
N GLY A 249 11.15 3.65 -17.16
CA GLY A 249 11.42 3.26 -15.79
C GLY A 249 10.82 1.89 -15.53
N SER A 250 11.43 1.12 -14.63
CA SER A 250 10.98 -0.23 -14.36
C SER A 250 11.13 -0.51 -12.88
N ASP A 251 11.03 -1.78 -12.51
CA ASP A 251 11.07 -2.22 -11.13
C ASP A 251 12.48 -2.58 -10.66
N ASP A 252 13.50 -2.00 -11.27
CA ASP A 252 14.89 -2.33 -10.96
C ASP A 252 15.71 -1.08 -10.66
N ALA A 253 15.04 0.00 -10.26
CA ALA A 253 15.69 1.26 -9.88
C ALA A 253 16.55 1.84 -11.00
N THR A 254 16.10 1.71 -12.25
CA THR A 254 16.83 2.28 -13.38
C THR A 254 15.86 3.02 -14.29
N CYS A 255 16.35 4.06 -14.93
CA CYS A 255 15.63 4.79 -15.98
C CYS A 255 16.53 4.86 -17.20
N ARG A 256 16.15 4.18 -18.27
CA ARG A 256 16.97 4.11 -19.47
C ARG A 256 16.39 5.02 -20.55
N LEU A 257 17.23 5.85 -21.14
CA LEU A 257 16.80 6.79 -22.18
C LEU A 257 17.16 6.20 -23.54
N PHE A 258 16.18 5.68 -24.25
CA PHE A 258 16.39 5.15 -25.59
C PHE A 258 16.26 6.26 -26.62
N ASP A 259 17.10 6.19 -27.65
CA ASP A 259 17.03 7.08 -28.79
C ASP A 259 16.35 6.36 -29.94
N LEU A 260 15.37 7.03 -30.56
CA LEU A 260 14.57 6.37 -31.59
C LEU A 260 15.40 6.13 -32.86
N ARG A 261 16.18 7.12 -33.27
CA ARG A 261 16.99 6.97 -34.48
C ARG A 261 18.14 6.00 -34.28
N ALA A 262 18.83 6.10 -33.14
CA ALA A 262 19.98 5.23 -32.89
C ALA A 262 19.56 3.79 -32.67
N ASP A 263 18.35 3.57 -32.15
CA ASP A 263 17.79 2.23 -31.90
C ASP A 263 18.71 1.42 -30.99
N GLN A 264 19.08 2.06 -29.87
CA GLN A 264 19.94 1.43 -28.88
C GLN A 264 19.78 2.14 -27.56
N GLU A 265 20.18 1.46 -26.48
CA GLU A 265 20.25 2.07 -25.16
C GLU A 265 21.30 3.16 -25.16
N LEU A 266 20.87 4.41 -24.91
CA LEU A 266 21.83 5.50 -24.82
C LEU A 266 22.53 5.51 -23.46
N MET A 267 21.75 5.67 -22.40
CA MET A 267 22.32 5.89 -21.08
C MET A 267 21.25 5.73 -20.00
N THR A 268 21.71 5.40 -18.79
CA THR A 268 20.87 4.91 -17.71
C THR A 268 21.06 5.75 -16.45
N TYR A 269 19.96 5.91 -15.70
CA TYR A 269 19.94 6.60 -14.42
C TYR A 269 19.69 5.58 -13.32
N SER A 270 20.57 5.56 -12.33
CA SER A 270 20.43 4.66 -11.19
C SER A 270 21.32 5.17 -10.07
N HIS A 271 21.15 4.58 -8.88
CA HIS A 271 22.01 4.89 -7.75
C HIS A 271 22.05 3.66 -6.85
N ASP A 272 23.11 3.58 -6.04
CA ASP A 272 23.30 2.41 -5.20
C ASP A 272 22.25 2.35 -4.09
N ASN A 273 21.88 3.51 -3.53
CA ASN A 273 20.96 3.53 -2.40
C ASN A 273 19.51 3.26 -2.80
N ILE A 274 19.17 3.41 -4.08
CA ILE A 274 17.80 3.18 -4.53
C ILE A 274 17.56 1.68 -4.60
N ILE A 275 16.52 1.22 -3.92
CA ILE A 275 16.17 -0.19 -3.82
C ILE A 275 14.95 -0.52 -4.65
N CYS A 276 13.89 0.28 -4.51
CA CYS A 276 12.64 0.07 -5.23
C CYS A 276 12.75 0.58 -6.66
N GLY A 277 11.74 0.23 -7.47
CA GLY A 277 11.73 0.58 -8.87
C GLY A 277 11.00 1.90 -9.15
N ILE A 278 10.80 2.16 -10.44
CA ILE A 278 10.16 3.39 -10.92
C ILE A 278 8.76 3.04 -11.37
N THR A 279 7.79 3.88 -11.00
CA THR A 279 6.40 3.68 -11.42
C THR A 279 5.82 4.89 -12.14
N SER A 280 6.63 5.89 -12.45
CA SER A 280 6.16 7.08 -13.16
C SER A 280 7.35 7.80 -13.77
N VAL A 281 7.34 7.94 -15.09
CA VAL A 281 8.38 8.67 -15.82
C VAL A 281 7.71 9.75 -16.64
N SER A 282 8.28 10.96 -16.61
CA SER A 282 7.79 12.06 -17.42
C SER A 282 8.92 13.04 -17.67
N PHE A 283 8.75 13.87 -18.69
CA PHE A 283 9.73 14.86 -19.08
C PHE A 283 9.17 16.26 -18.87
N SER A 284 10.07 17.24 -18.83
CA SER A 284 9.69 18.63 -18.79
C SER A 284 9.48 19.14 -20.21
N LYS A 285 9.21 20.45 -20.35
CA LYS A 285 9.01 21.01 -21.68
C LYS A 285 10.29 20.99 -22.50
N SER A 286 11.41 21.40 -21.90
CA SER A 286 12.68 21.41 -22.59
C SER A 286 13.30 20.02 -22.72
N GLY A 287 12.88 19.07 -21.90
CA GLY A 287 13.45 17.74 -21.92
C GLY A 287 14.73 17.57 -21.13
N ARG A 288 15.26 18.65 -20.54
CA ARG A 288 16.50 18.54 -19.77
C ARG A 288 16.27 17.85 -18.43
N LEU A 289 15.03 17.86 -17.93
CA LEU A 289 14.73 17.35 -16.60
C LEU A 289 13.83 16.13 -16.73
N LEU A 290 14.39 14.95 -16.43
CA LEU A 290 13.57 13.75 -16.27
C LEU A 290 12.98 13.72 -14.88
N LEU A 291 11.83 13.07 -14.75
CA LEU A 291 11.16 12.96 -13.45
C LEU A 291 10.83 11.49 -13.19
N ALA A 292 11.23 11.00 -12.02
CA ALA A 292 11.03 9.60 -11.68
C ALA A 292 10.36 9.48 -10.32
N GLY A 293 9.31 8.65 -10.26
CA GLY A 293 8.63 8.38 -9.01
C GLY A 293 8.87 6.97 -8.52
N TYR A 294 9.65 6.83 -7.44
CA TYR A 294 10.00 5.53 -6.92
C TYR A 294 8.88 4.99 -6.03
N ASP A 295 9.16 3.88 -5.34
CA ASP A 295 8.21 3.26 -4.42
C ASP A 295 8.66 3.38 -2.97
N ASP A 296 9.70 4.15 -2.69
CA ASP A 296 10.17 4.37 -1.33
C ASP A 296 9.63 5.67 -0.76
N PHE A 297 8.38 6.00 -1.10
CA PHE A 297 7.68 7.19 -0.64
C PHE A 297 8.39 8.47 -1.10
N ASN A 298 9.01 8.42 -2.28
CA ASN A 298 9.88 9.49 -2.72
C ASN A 298 9.71 9.72 -4.21
N CYS A 299 10.21 10.86 -4.67
CA CYS A 299 10.28 11.19 -6.08
C CYS A 299 11.56 12.00 -6.29
N ASN A 300 12.04 12.04 -7.54
CA ASN A 300 13.25 12.80 -7.80
C ASN A 300 13.27 13.27 -9.24
N VAL A 301 14.14 14.25 -9.49
CA VAL A 301 14.39 14.78 -10.83
C VAL A 301 15.81 14.45 -11.23
N TRP A 302 15.98 13.98 -12.46
CA TRP A 302 17.26 13.59 -13.01
C TRP A 302 17.68 14.58 -14.09
N ASP A 303 18.95 14.94 -14.11
CA ASP A 303 19.52 15.67 -15.23
C ASP A 303 19.55 14.74 -16.43
N ALA A 304 18.70 15.00 -17.43
CA ALA A 304 18.50 14.06 -18.52
C ALA A 304 19.72 13.92 -19.42
N LEU A 305 20.71 14.80 -19.30
CA LEU A 305 21.90 14.75 -20.13
C LEU A 305 23.18 14.47 -19.37
N LYS A 306 23.12 14.35 -18.03
CA LYS A 306 24.32 14.15 -17.25
C LYS A 306 24.21 13.03 -16.21
N ALA A 307 23.03 12.43 -16.04
CA ALA A 307 22.80 11.35 -15.07
C ALA A 307 23.16 11.77 -13.66
N ASP A 308 22.88 13.02 -13.31
CA ASP A 308 23.12 13.55 -11.98
C ASP A 308 21.80 13.94 -11.35
N ARG A 309 21.54 13.45 -10.14
CA ARG A 309 20.32 13.79 -9.43
C ARG A 309 20.35 15.28 -9.06
N ALA A 310 19.26 15.98 -9.39
CA ALA A 310 19.19 17.42 -9.20
C ALA A 310 18.25 17.84 -8.08
N GLY A 311 17.40 16.94 -7.60
CA GLY A 311 16.45 17.29 -6.55
C GLY A 311 15.55 16.15 -6.15
N VAL A 312 15.19 16.12 -4.87
CA VAL A 312 14.38 15.04 -4.30
C VAL A 312 13.13 15.65 -3.69
N LEU A 313 11.98 15.09 -4.02
CA LEU A 313 10.68 15.51 -3.49
C LEU A 313 10.15 14.41 -2.58
N ALA A 314 9.87 14.76 -1.33
CA ALA A 314 9.43 13.80 -0.33
C ALA A 314 8.11 14.25 0.29
N GLY A 315 7.24 14.86 -0.51
CA GLY A 315 5.95 15.31 -0.01
C GLY A 315 4.92 14.23 0.18
N HIS A 316 5.20 13.01 -0.27
CA HIS A 316 4.26 11.91 -0.16
C HIS A 316 4.72 10.92 0.90
N ASP A 317 3.74 10.24 1.50
CA ASP A 317 3.99 9.23 2.52
C ASP A 317 3.48 7.87 2.06
N ASN A 318 3.46 7.65 0.75
CA ASN A 318 3.07 6.37 0.18
C ASN A 318 3.70 6.24 -1.19
N ARG A 319 3.38 5.15 -1.89
CA ARG A 319 3.96 4.88 -3.20
C ARG A 319 3.51 5.93 -4.20
N VAL A 320 4.46 6.61 -4.82
CA VAL A 320 4.14 7.62 -5.84
C VAL A 320 3.81 6.89 -7.13
N SER A 321 2.53 6.57 -7.31
CA SER A 321 2.10 5.71 -8.41
C SER A 321 1.85 6.46 -9.71
N CYS A 322 1.85 7.79 -9.68
CA CYS A 322 1.50 8.52 -10.88
C CYS A 322 2.12 9.91 -10.86
N LEU A 323 2.50 10.39 -12.04
CA LEU A 323 3.15 11.68 -12.20
C LEU A 323 2.74 12.29 -13.52
N GLY A 324 2.80 13.61 -13.59
CA GLY A 324 2.42 14.32 -14.81
C GLY A 324 3.05 15.69 -14.87
N VAL A 325 3.26 16.17 -16.09
CA VAL A 325 3.82 17.49 -16.35
C VAL A 325 2.89 18.21 -17.31
N THR A 326 2.61 19.48 -17.03
CA THR A 326 1.71 20.26 -17.86
C THR A 326 2.27 20.43 -19.27
N ASP A 327 1.37 20.72 -20.21
CA ASP A 327 1.78 20.87 -21.60
C ASP A 327 2.70 22.06 -21.81
N ASP A 328 2.49 23.13 -21.06
CA ASP A 328 3.34 24.32 -21.15
C ASP A 328 4.55 24.26 -20.21
N GLY A 329 4.69 23.18 -19.44
CA GLY A 329 5.80 23.05 -18.53
C GLY A 329 5.79 24.05 -17.39
N MET A 330 4.62 24.27 -16.77
CA MET A 330 4.51 25.22 -15.67
C MET A 330 4.44 24.55 -14.30
N ALA A 331 4.11 23.27 -14.23
CA ALA A 331 3.94 22.59 -12.95
C ALA A 331 4.14 21.10 -13.11
N VAL A 332 4.28 20.43 -11.98
CA VAL A 332 4.42 18.97 -11.92
C VAL A 332 3.44 18.46 -10.89
N ALA A 333 2.59 17.49 -11.28
CA ALA A 333 1.61 16.91 -10.38
C ALA A 333 2.00 15.48 -10.06
N THR A 334 2.16 15.18 -8.78
CA THR A 334 2.46 13.83 -8.32
C THR A 334 1.29 13.31 -7.51
N GLY A 335 0.77 12.14 -7.91
CA GLY A 335 -0.30 11.50 -7.19
C GLY A 335 0.13 10.13 -6.70
N SER A 336 -0.10 9.87 -5.42
CA SER A 336 0.44 8.69 -4.75
C SER A 336 -0.69 7.87 -4.15
N TRP A 337 -0.31 6.85 -3.38
CA TRP A 337 -1.23 5.98 -2.67
C TRP A 337 -1.72 6.60 -1.36
N ASP A 338 -1.40 7.86 -1.12
CA ASP A 338 -1.87 8.61 0.03
C ASP A 338 -3.20 9.29 -0.24
N SER A 339 -3.79 9.06 -1.41
CA SER A 339 -5.04 9.70 -1.85
C SER A 339 -4.89 11.22 -1.94
N PHE A 340 -3.68 11.68 -2.21
CA PHE A 340 -3.38 13.10 -2.33
C PHE A 340 -2.84 13.39 -3.72
N LEU A 341 -2.84 14.67 -4.08
CA LEU A 341 -2.15 15.14 -5.27
C LEU A 341 -1.34 16.37 -4.90
N LYS A 342 -0.08 16.41 -5.32
CA LYS A 342 0.83 17.49 -4.95
C LYS A 342 1.29 18.21 -6.21
N ILE A 343 1.18 19.54 -6.21
CA ILE A 343 1.63 20.36 -7.33
C ILE A 343 2.91 21.07 -6.93
N TRP A 344 3.94 20.96 -7.77
CA TRP A 344 5.23 21.57 -7.55
C TRP A 344 5.60 22.43 -8.76
N ASN A 345 6.48 23.39 -8.55
CA ASN A 345 6.96 24.22 -9.64
C ASN A 345 8.34 24.81 -9.35
N ALA B 7 -0.04 -24.12 -33.80
CA ALA B 7 0.57 -24.29 -32.49
C ALA B 7 1.58 -23.19 -32.21
N SER B 8 2.55 -23.49 -31.34
CA SER B 8 3.61 -22.53 -31.04
C SER B 8 4.53 -22.29 -32.24
N ILE B 9 4.55 -23.21 -33.20
CA ILE B 9 5.40 -23.04 -34.38
C ILE B 9 4.93 -21.84 -35.20
N ALA B 10 3.61 -21.63 -35.30
CA ALA B 10 3.09 -20.53 -36.07
C ALA B 10 3.44 -19.17 -35.46
N GLN B 11 3.25 -19.03 -34.14
CA GLN B 11 3.60 -17.76 -33.49
C GLN B 11 5.11 -17.55 -33.47
N ALA B 12 5.88 -18.64 -33.37
CA ALA B 12 7.33 -18.52 -33.48
C ALA B 12 7.74 -18.04 -34.86
N ARG B 13 7.07 -18.53 -35.91
CA ARG B 13 7.34 -18.07 -37.26
C ARG B 13 6.97 -16.60 -37.41
N LYS B 14 5.86 -16.19 -36.80
CA LYS B 14 5.49 -14.78 -36.81
C LYS B 14 6.58 -13.93 -36.15
N LEU B 15 7.06 -14.37 -34.99
CA LEU B 15 8.11 -13.64 -34.28
C LEU B 15 9.38 -13.56 -35.13
N VAL B 16 9.77 -14.66 -35.77
CA VAL B 16 11.03 -14.61 -36.50
C VAL B 16 10.91 -13.72 -37.72
N GLU B 17 9.78 -13.71 -38.45
CA GLU B 17 9.76 -12.81 -39.61
C GLU B 17 9.64 -11.37 -39.13
N GLN B 18 9.13 -11.18 -37.91
CA GLN B 18 9.19 -9.85 -37.29
C GLN B 18 10.63 -9.39 -37.14
N LEU B 19 11.52 -10.27 -36.64
CA LEU B 19 12.91 -9.81 -36.56
C LEU B 19 13.56 -9.69 -37.94
N LYS B 20 13.13 -10.48 -38.93
CA LYS B 20 13.65 -10.25 -40.28
C LYS B 20 13.25 -8.88 -40.81
N MET B 21 12.02 -8.44 -40.54
CA MET B 21 11.55 -7.16 -41.03
C MET B 21 12.13 -5.99 -40.25
N GLU B 22 12.39 -6.13 -38.95
CA GLU B 22 12.88 -5.01 -38.17
C GLU B 22 14.39 -4.87 -38.17
N ALA B 23 15.12 -5.79 -38.80
CA ALA B 23 16.57 -5.75 -38.78
C ALA B 23 17.18 -5.07 -40.01
N ASN B 24 16.38 -4.72 -41.01
CA ASN B 24 16.88 -4.15 -42.25
C ASN B 24 16.84 -2.62 -42.26
N ILE B 25 16.43 -2.00 -41.17
CA ILE B 25 16.32 -0.54 -41.11
C ILE B 25 17.72 0.07 -41.00
N ASP B 26 17.82 1.37 -41.24
CA ASP B 26 19.08 2.09 -41.17
C ASP B 26 19.21 2.76 -39.80
N ARG B 27 20.40 2.66 -39.22
CA ARG B 27 20.70 3.24 -37.91
C ARG B 27 21.69 4.38 -38.08
N ILE B 28 21.36 5.55 -37.54
CA ILE B 28 22.23 6.71 -37.62
C ILE B 28 23.29 6.59 -36.54
N LYS B 29 24.34 7.41 -36.65
CA LYS B 29 25.39 7.40 -35.64
C LYS B 29 24.87 7.92 -34.31
N VAL B 30 25.36 7.32 -33.22
CA VAL B 30 24.94 7.71 -31.89
C VAL B 30 25.40 9.13 -31.58
N SER B 31 26.57 9.53 -32.06
CA SER B 31 27.05 10.88 -31.84
C SER B 31 26.12 11.91 -32.49
N LYS B 32 25.61 11.60 -33.69
CA LYS B 32 24.68 12.50 -34.35
C LYS B 32 23.39 12.64 -33.55
N ALA B 33 22.87 11.53 -33.01
CA ALA B 33 21.67 11.59 -32.20
C ALA B 33 21.90 12.38 -30.92
N ALA B 34 23.07 12.21 -30.30
CA ALA B 34 23.41 12.98 -29.11
C ALA B 34 23.51 14.46 -29.41
N ALA B 35 24.11 14.82 -30.55
CA ALA B 35 24.18 16.21 -30.96
C ALA B 35 22.80 16.78 -31.22
N ASP B 36 21.92 16.00 -31.84
CA ASP B 36 20.55 16.46 -32.08
C ASP B 36 19.81 16.68 -30.76
N LEU B 37 19.97 15.77 -29.80
CA LEU B 37 19.33 15.93 -28.51
C LEU B 37 19.86 17.17 -27.78
N MET B 38 21.17 17.39 -27.83
CA MET B 38 21.74 18.58 -27.21
C MET B 38 21.23 19.85 -27.87
N ALA B 39 21.16 19.86 -29.21
CA ALA B 39 20.68 21.04 -29.93
C ALA B 39 19.22 21.33 -29.59
N TYR B 40 18.39 20.28 -29.48
CA TYR B 40 17.02 20.50 -29.07
C TYR B 40 16.93 20.99 -27.63
N CYS B 41 17.82 20.51 -26.76
CA CYS B 41 17.80 20.93 -25.36
C CYS B 41 18.18 22.41 -25.22
N GLU B 42 19.19 22.86 -25.97
CA GLU B 42 19.60 24.26 -25.86
C GLU B 42 18.57 25.23 -26.45
N ALA B 43 17.69 24.74 -27.32
CA ALA B 43 16.71 25.63 -27.96
C ALA B 43 15.51 25.91 -27.08
N HIS B 44 15.37 25.23 -25.95
CA HIS B 44 14.22 25.45 -25.07
C HIS B 44 14.60 25.51 -23.59
N ALA B 45 15.89 25.43 -23.26
CA ALA B 45 16.29 25.45 -21.86
C ALA B 45 16.04 26.81 -21.22
N LYS B 46 16.27 27.89 -21.96
CA LYS B 46 16.10 29.23 -21.41
C LYS B 46 14.63 29.61 -21.23
N GLU B 47 13.71 28.86 -21.85
CA GLU B 47 12.29 29.18 -21.78
C GLU B 47 11.49 28.24 -20.89
N ASP B 48 12.04 27.09 -20.53
CA ASP B 48 11.34 26.16 -19.64
C ASP B 48 11.36 26.70 -18.21
N PRO B 49 10.20 26.90 -17.58
CA PRO B 49 10.17 27.45 -16.22
C PRO B 49 10.61 26.49 -15.13
N LEU B 50 10.80 25.20 -15.42
CA LEU B 50 11.24 24.27 -14.39
C LEU B 50 12.68 24.55 -13.96
N LEU B 51 13.57 24.76 -14.92
CA LEU B 51 14.96 25.05 -14.61
C LEU B 51 15.15 26.52 -14.26
N THR B 52 14.85 27.39 -15.21
CA THR B 52 15.01 28.82 -14.99
C THR B 52 13.97 29.31 -13.98
N PRO B 53 14.37 30.08 -12.97
CA PRO B 53 13.38 30.65 -12.05
C PRO B 53 12.45 31.61 -12.77
N VAL B 54 11.21 31.65 -12.30
CA VAL B 54 10.17 32.49 -12.88
C VAL B 54 9.65 33.41 -11.80
N PRO B 55 9.41 34.69 -12.09
CA PRO B 55 8.81 35.58 -11.09
C PRO B 55 7.37 35.18 -10.78
N ALA B 56 6.94 35.54 -9.58
CA ALA B 56 5.60 35.20 -9.13
C ALA B 56 4.50 35.87 -9.95
N SER B 57 4.82 36.99 -10.61
CA SER B 57 3.84 37.65 -11.47
C SER B 57 3.47 36.77 -12.65
N GLU B 58 4.48 36.20 -13.32
CA GLU B 58 4.22 35.29 -14.43
C GLU B 58 3.85 33.89 -13.97
N ASN B 59 4.13 33.55 -12.71
CA ASN B 59 3.77 32.25 -12.18
C ASN B 59 2.30 32.21 -11.83
N PRO B 60 1.49 31.32 -12.42
CA PRO B 60 0.08 31.24 -12.05
C PRO B 60 -0.17 30.66 -10.67
N PHE B 61 0.86 30.10 -10.02
CA PHE B 61 0.70 29.51 -8.69
C PHE B 61 1.14 30.52 -7.64
N ARG B 62 0.35 31.59 -7.54
CA ARG B 62 0.55 32.67 -6.57
C ARG B 62 1.94 33.28 -6.67
N GLN C 1 19.11 -7.53 -22.63
CA GLN C 1 17.94 -8.40 -22.53
C GLN C 1 18.25 -9.62 -21.67
N VAL C 2 17.23 -10.14 -21.01
CA VAL C 2 17.40 -11.31 -20.15
C VAL C 2 17.47 -12.55 -21.02
N GLN C 3 18.51 -13.37 -20.80
CA GLN C 3 18.70 -14.59 -21.57
C GLN C 3 19.08 -15.71 -20.61
N LEU C 4 18.30 -16.78 -20.62
CA LEU C 4 18.56 -17.95 -19.78
C LEU C 4 18.72 -19.16 -20.70
N GLN C 5 19.91 -19.75 -20.72
CA GLN C 5 20.20 -20.90 -21.55
C GLN C 5 20.44 -22.11 -20.65
N GLU C 6 19.69 -23.18 -20.88
CA GLU C 6 19.78 -24.40 -20.08
C GLU C 6 20.48 -25.48 -20.87
N SER C 7 21.47 -26.12 -20.25
CA SER C 7 22.25 -27.18 -20.87
C SER C 7 22.09 -28.47 -20.07
N GLY C 8 22.86 -29.48 -20.45
CA GLY C 8 22.79 -30.75 -19.77
C GLY C 8 21.53 -31.52 -20.11
N GLY C 9 21.29 -32.56 -19.32
CA GLY C 9 20.12 -33.39 -19.51
C GLY C 9 20.29 -34.42 -20.61
N GLY C 10 19.19 -35.11 -20.89
CA GLY C 10 19.16 -36.15 -21.90
C GLY C 10 18.56 -37.43 -21.34
N LEU C 11 18.70 -38.50 -22.12
CA LEU C 11 18.20 -39.81 -21.72
C LEU C 11 19.16 -40.45 -20.73
N VAL C 12 18.66 -40.73 -19.53
CA VAL C 12 19.46 -41.32 -18.46
C VAL C 12 18.65 -42.43 -17.81
N GLN C 13 19.33 -43.54 -17.50
CA GLN C 13 18.69 -44.66 -16.84
C GLN C 13 18.16 -44.24 -15.46
N PRO C 14 17.01 -44.78 -15.06
CA PRO C 14 16.46 -44.46 -13.74
C PRO C 14 17.40 -44.89 -12.62
N GLY C 15 17.46 -44.08 -11.57
CA GLY C 15 18.36 -44.32 -10.46
C GLY C 15 19.73 -43.71 -10.62
N GLY C 16 20.00 -43.02 -11.73
CA GLY C 16 21.28 -42.39 -11.97
C GLY C 16 21.33 -40.97 -11.45
N SER C 17 22.36 -40.26 -11.89
CA SER C 17 22.57 -38.87 -11.50
C SER C 17 22.65 -38.00 -12.75
N LEU C 18 22.24 -36.74 -12.61
CA LEU C 18 22.19 -35.84 -13.75
C LEU C 18 22.38 -34.42 -13.25
N ARG C 19 22.79 -33.53 -14.15
CA ARG C 19 23.04 -32.13 -13.82
C ARG C 19 22.52 -31.23 -14.94
N LEU C 20 21.90 -30.11 -14.54
CA LEU C 20 21.54 -29.04 -15.46
C LEU C 20 22.29 -27.78 -15.08
N SER C 21 22.76 -27.05 -16.09
CA SER C 21 23.40 -25.77 -15.91
C SER C 21 22.59 -24.69 -16.62
N CYS C 22 22.19 -23.66 -15.88
CA CYS C 22 21.45 -22.53 -16.41
C CYS C 22 22.39 -21.33 -16.41
N ALA C 23 22.75 -20.87 -17.60
CA ALA C 23 23.59 -19.68 -17.74
C ALA C 23 22.69 -18.48 -18.01
N ALA C 24 22.86 -17.43 -17.20
CA ALA C 24 22.06 -16.23 -17.28
C ALA C 24 22.92 -15.07 -17.75
N SER C 25 22.46 -14.38 -18.80
CA SER C 25 23.19 -13.26 -19.37
C SER C 25 22.24 -12.10 -19.57
N GLY C 26 22.77 -10.89 -19.43
CA GLY C 26 22.01 -9.67 -19.63
C GLY C 26 21.54 -8.99 -18.36
N PHE C 27 21.78 -9.58 -17.19
CA PHE C 27 21.38 -8.96 -15.94
C PHE C 27 22.31 -9.39 -14.83
N THR C 28 22.12 -8.78 -13.65
CA THR C 28 22.94 -9.09 -12.49
C THR C 28 22.40 -10.33 -11.80
N PHE C 29 23.23 -11.38 -11.75
CA PHE C 29 22.80 -12.65 -11.17
C PHE C 29 22.75 -12.61 -9.65
N SER C 30 23.56 -11.75 -9.01
CA SER C 30 23.71 -11.72 -7.57
C SER C 30 22.61 -10.94 -6.88
N ASN C 31 21.47 -10.72 -7.54
CA ASN C 31 20.40 -9.91 -6.98
C ASN C 31 19.02 -10.52 -7.12
N TYR C 32 18.86 -11.57 -7.93
CA TYR C 32 17.55 -12.11 -8.28
C TYR C 32 17.41 -13.51 -7.73
N LYS C 33 16.25 -13.80 -7.13
CA LYS C 33 15.96 -15.15 -6.67
C LYS C 33 15.85 -16.09 -7.86
N MET C 34 16.40 -17.29 -7.73
CA MET C 34 16.40 -18.27 -8.81
C MET C 34 15.37 -19.35 -8.55
N ASN C 35 14.72 -19.81 -9.61
CA ASN C 35 13.70 -20.85 -9.53
C ASN C 35 13.92 -21.88 -10.63
N TRP C 36 13.82 -23.15 -10.26
CA TRP C 36 13.78 -24.25 -11.22
C TRP C 36 12.35 -24.77 -11.28
N VAL C 37 11.80 -24.88 -12.48
CA VAL C 37 10.44 -25.34 -12.71
C VAL C 37 10.48 -26.49 -13.69
N ARG C 38 9.48 -27.37 -13.64
CA ARG C 38 9.36 -28.45 -14.61
C ARG C 38 7.94 -28.52 -15.15
N GLN C 39 7.82 -29.07 -16.35
CA GLN C 39 6.53 -29.31 -16.99
C GLN C 39 6.54 -30.73 -17.55
N ALA C 40 5.62 -31.57 -17.07
CA ALA C 40 5.48 -32.91 -17.59
C ALA C 40 4.83 -32.86 -18.98
N PRO C 41 5.13 -33.83 -19.84
CA PRO C 41 4.47 -33.87 -21.15
C PRO C 41 2.98 -34.13 -21.00
N GLY C 42 2.18 -33.28 -21.63
CA GLY C 42 0.74 -33.39 -21.53
C GLY C 42 0.18 -32.97 -20.19
N LYS C 43 0.95 -32.24 -19.38
CA LYS C 43 0.52 -31.81 -18.07
C LYS C 43 1.00 -30.39 -17.82
N GLY C 44 0.46 -29.77 -16.78
CA GLY C 44 0.79 -28.40 -16.46
C GLY C 44 2.15 -28.25 -15.80
N LEU C 45 2.54 -26.99 -15.59
CA LEU C 45 3.81 -26.69 -14.97
C LEU C 45 3.79 -27.06 -13.48
N GLU C 46 4.98 -27.30 -12.94
CA GLU C 46 5.11 -27.64 -11.53
C GLU C 46 6.43 -27.07 -11.03
N TRP C 47 6.38 -26.24 -10.00
CA TRP C 47 7.58 -25.62 -9.47
C TRP C 47 8.44 -26.65 -8.75
N VAL C 48 9.72 -26.70 -9.10
CA VAL C 48 10.62 -27.71 -8.56
C VAL C 48 11.29 -27.16 -7.30
N SER C 49 12.03 -26.06 -7.43
CA SER C 49 12.81 -25.59 -6.31
C SER C 49 13.12 -24.10 -6.50
N ASP C 50 13.61 -23.48 -5.43
CA ASP C 50 14.05 -22.10 -5.52
C ASP C 50 15.18 -21.85 -4.53
N ILE C 51 16.02 -20.88 -4.89
CA ILE C 51 17.15 -20.47 -4.07
C ILE C 51 17.18 -18.94 -4.03
N SER C 52 17.67 -18.42 -2.91
CA SER C 52 17.63 -16.98 -2.64
C SER C 52 18.76 -16.27 -3.38
N GLN C 53 19.00 -15.00 -3.03
CA GLN C 53 20.02 -14.22 -3.71
C GLN C 53 21.41 -14.74 -3.41
N SER C 54 21.72 -14.96 -2.14
CA SER C 54 23.04 -15.43 -1.72
C SER C 54 23.11 -16.93 -1.53
N GLY C 55 22.04 -17.67 -1.81
CA GLY C 55 22.02 -19.09 -1.59
C GLY C 55 21.74 -19.51 -0.17
N ALA C 56 21.38 -18.58 0.71
CA ALA C 56 21.10 -18.93 2.10
C ALA C 56 19.78 -19.67 2.22
N SER C 57 18.74 -19.20 1.54
CA SER C 57 17.41 -19.79 1.63
C SER C 57 17.20 -20.70 0.43
N ILE C 58 17.09 -22.00 0.69
CA ILE C 58 16.86 -23.01 -0.34
C ILE C 58 15.58 -23.75 0.00
N SER C 59 14.68 -23.88 -0.97
CA SER C 59 13.47 -24.65 -0.76
C SER C 59 13.22 -25.56 -1.95
N TYR C 60 12.63 -26.73 -1.68
CA TYR C 60 12.36 -27.74 -2.68
C TYR C 60 10.90 -28.14 -2.66
N THR C 61 10.44 -28.66 -3.79
CA THR C 61 9.16 -29.37 -3.81
C THR C 61 9.27 -30.64 -2.97
N GLY C 62 8.21 -30.93 -2.22
CA GLY C 62 8.26 -32.07 -1.31
C GLY C 62 8.50 -33.39 -2.00
N SER C 63 8.14 -33.50 -3.28
CA SER C 63 8.37 -34.75 -4.01
C SER C 63 9.86 -34.98 -4.28
N VAL C 64 10.63 -33.92 -4.50
CA VAL C 64 12.04 -34.02 -4.82
C VAL C 64 12.92 -33.66 -3.63
N LYS C 65 12.34 -33.49 -2.46
CA LYS C 65 13.11 -33.11 -1.27
C LYS C 65 14.07 -34.24 -0.90
N GLY C 66 15.36 -33.91 -0.83
CA GLY C 66 16.40 -34.86 -0.47
C GLY C 66 17.12 -35.48 -1.65
N ARG C 67 16.55 -35.40 -2.85
CA ARG C 67 17.17 -35.96 -4.04
C ARG C 67 17.64 -34.89 -5.03
N PHE C 68 17.19 -33.65 -4.87
CA PHE C 68 17.57 -32.55 -5.75
C PHE C 68 18.45 -31.58 -4.97
N THR C 69 19.44 -31.00 -5.66
CA THR C 69 20.35 -30.05 -5.01
C THR C 69 20.58 -28.88 -5.95
N ILE C 70 20.21 -27.68 -5.52
CA ILE C 70 20.31 -26.48 -6.33
C ILE C 70 21.39 -25.58 -5.75
N SER C 71 22.33 -25.15 -6.59
CA SER C 71 23.42 -24.30 -6.15
C SER C 71 23.67 -23.21 -7.18
N ARG C 72 23.70 -21.96 -6.73
CA ARG C 72 23.95 -20.83 -7.62
C ARG C 72 25.33 -20.27 -7.38
N ASP C 73 25.92 -19.69 -8.43
CA ASP C 73 27.22 -19.05 -8.33
C ASP C 73 27.11 -17.73 -9.06
N ASN C 74 27.37 -16.64 -8.35
CA ASN C 74 27.23 -15.30 -8.89
C ASN C 74 28.51 -14.78 -9.55
N ALA C 75 29.63 -15.48 -9.40
CA ALA C 75 30.87 -15.03 -10.03
C ALA C 75 30.79 -15.19 -11.54
N LYS C 76 30.36 -16.36 -12.01
CA LYS C 76 30.14 -16.60 -13.43
C LYS C 76 28.67 -16.70 -13.80
N ASN C 77 27.78 -16.38 -12.86
CA ASN C 77 26.33 -16.26 -13.12
C ASN C 77 25.74 -17.54 -13.68
N THR C 78 25.79 -18.60 -12.87
CA THR C 78 25.30 -19.90 -13.31
C THR C 78 24.57 -20.61 -12.19
N LEU C 79 23.47 -21.27 -12.53
CA LEU C 79 22.63 -21.98 -11.57
C LEU C 79 22.61 -23.46 -11.93
N TYR C 80 23.08 -24.31 -11.01
CA TYR C 80 23.22 -25.73 -11.26
C TYR C 80 22.18 -26.51 -10.46
N LEU C 81 21.63 -27.55 -11.07
CA LEU C 81 20.69 -28.46 -10.41
C LEU C 81 21.18 -29.89 -10.56
N GLN C 82 21.29 -30.60 -9.44
CA GLN C 82 21.73 -31.98 -9.38
C GLN C 82 20.54 -32.86 -9.05
N MET C 83 20.33 -33.90 -9.85
CA MET C 83 19.35 -34.94 -9.56
C MET C 83 20.07 -36.23 -9.23
N ASN C 84 19.67 -36.85 -8.12
CA ASN C 84 20.16 -38.16 -7.71
C ASN C 84 18.98 -39.12 -7.64
N SER C 85 19.18 -40.34 -8.11
CA SER C 85 18.19 -41.43 -8.05
C SER C 85 16.90 -41.04 -8.76
N LEU C 86 17.00 -40.87 -10.07
CA LEU C 86 15.84 -40.51 -10.88
C LEU C 86 14.81 -41.64 -10.89
N LYS C 87 13.56 -41.27 -11.07
CA LYS C 87 12.44 -42.19 -11.21
C LYS C 87 11.69 -41.91 -12.50
N PRO C 88 11.05 -42.92 -13.10
CA PRO C 88 10.40 -42.71 -14.41
C PRO C 88 9.28 -41.67 -14.39
N GLU C 89 8.76 -41.32 -13.21
CA GLU C 89 7.78 -40.24 -13.12
C GLU C 89 8.37 -38.89 -13.48
N ASP C 90 9.70 -38.74 -13.41
CA ASP C 90 10.36 -37.45 -13.54
C ASP C 90 10.83 -37.23 -14.97
N THR C 91 10.04 -37.68 -15.95
CA THR C 91 10.30 -37.35 -17.34
C THR C 91 9.54 -36.06 -17.66
N ALA C 92 10.27 -35.00 -17.98
CA ALA C 92 9.66 -33.68 -18.12
C ALA C 92 10.66 -32.74 -18.78
N VAL C 93 10.18 -31.54 -19.11
CA VAL C 93 11.04 -30.45 -19.55
C VAL C 93 11.29 -29.55 -18.36
N TYR C 94 12.50 -28.99 -18.28
CA TYR C 94 12.94 -28.20 -17.14
C TYR C 94 13.32 -26.81 -17.59
N TYR C 95 12.76 -25.80 -16.92
CA TYR C 95 13.03 -24.40 -17.19
C TYR C 95 13.71 -23.77 -15.99
N CYS C 96 14.65 -22.88 -16.27
CA CYS C 96 15.36 -22.11 -15.25
C CYS C 96 14.66 -20.76 -15.15
N ALA C 97 13.78 -20.63 -14.16
CA ALA C 97 12.91 -19.46 -14.06
C ALA C 97 13.68 -18.29 -13.46
N ARG C 98 12.95 -17.23 -13.09
CA ARG C 98 13.60 -15.99 -12.68
C ARG C 98 12.65 -15.21 -11.78
N CYS C 99 13.19 -14.57 -10.76
CA CYS C 99 12.39 -13.68 -9.92
C CYS C 99 12.05 -12.42 -10.70
N PRO C 100 10.79 -11.97 -10.66
CA PRO C 100 10.44 -10.76 -11.43
C PRO C 100 11.14 -9.50 -10.98
N ALA C 101 11.47 -9.36 -9.70
CA ALA C 101 11.98 -8.09 -9.21
C ALA C 101 13.22 -8.27 -8.34
N PRO C 102 14.13 -7.32 -8.36
CA PRO C 102 15.28 -7.37 -7.45
C PRO C 102 14.89 -7.16 -6.01
N PHE C 103 15.71 -7.69 -5.11
CA PHE C 103 15.61 -7.45 -3.66
C PHE C 103 14.22 -7.76 -3.15
N THR C 104 13.65 -8.89 -3.56
CA THR C 104 12.25 -9.17 -3.30
C THR C 104 12.12 -10.60 -2.80
N ARG C 105 11.45 -10.77 -1.66
CA ARG C 105 11.30 -12.09 -1.07
C ARG C 105 10.29 -12.95 -1.82
N ASP C 106 9.28 -12.35 -2.42
CA ASP C 106 8.23 -13.10 -3.10
C ASP C 106 8.64 -13.44 -4.53
N CYS C 107 7.94 -14.41 -5.10
CA CYS C 107 8.19 -14.83 -6.47
C CYS C 107 6.86 -15.32 -7.03
N PHE C 108 6.31 -14.58 -7.99
CA PHE C 108 4.89 -14.72 -8.33
C PHE C 108 4.65 -15.69 -9.50
N ASP C 109 5.18 -15.40 -10.67
CA ASP C 109 4.77 -16.06 -11.91
C ASP C 109 5.83 -17.00 -12.46
N VAL C 110 6.52 -17.73 -11.59
CA VAL C 110 7.47 -18.73 -12.07
C VAL C 110 6.76 -19.90 -12.71
N THR C 111 5.64 -20.33 -12.12
CA THR C 111 4.86 -21.43 -12.66
C THR C 111 3.79 -20.98 -13.64
N SER C 112 3.66 -19.69 -13.88
CA SER C 112 2.65 -19.19 -14.80
C SER C 112 3.05 -19.46 -16.23
N THR C 113 2.06 -19.77 -17.07
CA THR C 113 2.32 -20.03 -18.48
C THR C 113 2.73 -18.74 -19.19
N THR C 114 3.55 -18.89 -20.22
CA THR C 114 4.08 -17.78 -21.02
C THR C 114 4.76 -16.74 -20.14
N TYR C 115 5.57 -17.21 -19.20
CA TYR C 115 6.38 -16.31 -18.38
C TYR C 115 7.45 -15.65 -19.24
N ALA C 116 7.68 -14.36 -18.99
CA ALA C 116 8.61 -13.60 -19.82
C ALA C 116 10.05 -14.02 -19.55
N TYR C 117 10.44 -14.11 -18.28
CA TYR C 117 11.83 -14.39 -17.91
C TYR C 117 12.02 -15.88 -17.62
N ARG C 118 11.73 -16.70 -18.62
CA ARG C 118 11.91 -18.14 -18.51
C ARG C 118 12.74 -18.64 -19.68
N GLY C 119 13.68 -19.53 -19.39
CA GLY C 119 14.55 -20.09 -20.41
C GLY C 119 13.85 -21.15 -21.24
N GLN C 120 14.57 -21.62 -22.26
CA GLN C 120 14.03 -22.66 -23.12
C GLN C 120 13.95 -24.00 -22.41
N GLY C 121 14.88 -24.28 -21.51
CA GLY C 121 14.86 -25.50 -20.74
C GLY C 121 15.37 -26.70 -21.53
N THR C 122 15.53 -27.81 -20.82
CA THR C 122 15.99 -29.06 -21.42
C THR C 122 14.99 -30.17 -21.15
N GLN C 123 14.85 -31.07 -22.12
CA GLN C 123 13.95 -32.21 -22.01
C GLN C 123 14.71 -33.39 -21.45
N VAL C 124 14.31 -33.88 -20.28
CA VAL C 124 14.92 -35.05 -19.66
C VAL C 124 13.89 -36.17 -19.63
N THR C 125 14.24 -37.30 -20.23
CA THR C 125 13.38 -38.48 -20.29
C THR C 125 14.08 -39.63 -19.60
N VAL C 126 13.39 -40.26 -18.66
CA VAL C 126 13.90 -41.41 -17.93
C VAL C 126 12.95 -42.59 -18.16
N SER C 127 13.50 -43.68 -18.66
CA SER C 127 12.75 -44.89 -18.97
C SER C 127 13.74 -46.01 -19.21
N SER C 128 13.24 -47.16 -19.67
CA SER C 128 14.11 -48.27 -20.02
C SER C 128 14.88 -47.97 -21.31
N HIS C 129 15.92 -48.76 -21.56
CA HIS C 129 16.74 -48.59 -22.75
C HIS C 129 15.96 -48.91 -24.02
N ASP D 11 -17.84 40.86 -12.81
CA ASP D 11 -18.32 39.96 -13.85
C ASP D 11 -17.45 38.71 -13.92
N GLN D 12 -16.14 38.87 -13.71
CA GLN D 12 -15.26 37.70 -13.72
C GLN D 12 -15.36 36.92 -12.42
N ARG D 13 -15.97 37.51 -11.39
CA ARG D 13 -16.06 36.81 -10.11
C ARG D 13 -17.16 35.75 -10.13
N ASN D 14 -18.08 35.86 -11.08
CA ASN D 14 -19.27 34.99 -11.07
C ASN D 14 -18.91 33.55 -11.39
N GLU D 15 -17.97 33.33 -12.32
CA GLU D 15 -17.58 31.96 -12.65
C GLU D 15 -16.94 31.26 -11.46
N GLU D 16 -16.07 31.96 -10.72
CA GLU D 16 -15.51 31.33 -9.53
C GLU D 16 -16.50 31.24 -8.39
N LYS D 17 -17.51 32.11 -8.32
CA LYS D 17 -18.60 31.91 -7.36
C LYS D 17 -19.35 30.62 -7.65
N ALA D 18 -19.70 30.41 -8.92
CA ALA D 18 -20.30 29.13 -9.32
C ALA D 18 -19.36 27.97 -9.06
N GLN D 19 -18.05 28.19 -9.20
CA GLN D 19 -17.08 27.15 -8.91
C GLN D 19 -17.07 26.80 -7.43
N ARG D 20 -17.15 27.79 -6.53
CA ARG D 20 -17.26 27.43 -5.11
C ARG D 20 -18.55 26.68 -4.84
N GLU D 21 -19.66 27.11 -5.44
CA GLU D 21 -20.92 26.41 -5.23
C GLU D 21 -20.84 24.95 -5.68
N ALA D 22 -20.26 24.72 -6.86
CA ALA D 22 -20.03 23.36 -7.32
C ALA D 22 -19.18 22.60 -6.33
N ASN D 23 -17.99 23.13 -6.01
CA ASN D 23 -17.05 22.46 -5.11
C ASN D 23 -17.71 22.10 -3.79
N LYS D 24 -18.61 22.95 -3.28
CA LYS D 24 -19.39 22.60 -2.11
C LYS D 24 -20.29 21.39 -2.39
N LYS D 25 -20.92 21.37 -3.57
CA LYS D 25 -21.80 20.24 -3.89
C LYS D 25 -21.02 18.92 -3.95
N ILE D 26 -19.90 18.89 -4.68
CA ILE D 26 -19.11 17.66 -4.69
C ILE D 26 -18.48 17.38 -3.33
N GLU D 27 -18.22 18.40 -2.51
CA GLU D 27 -17.71 18.13 -1.17
C GLU D 27 -18.75 17.38 -0.33
N LYS D 28 -20.01 17.81 -0.40
CA LYS D 28 -21.07 17.11 0.32
C LYS D 28 -21.25 15.70 -0.23
N GLN D 29 -21.24 15.55 -1.56
CA GLN D 29 -21.40 14.22 -2.15
C GLN D 29 -20.25 13.31 -1.76
N LEU D 30 -19.03 13.83 -1.72
CA LEU D 30 -17.87 13.03 -1.34
C LEU D 30 -17.87 12.68 0.14
N GLN D 31 -18.42 13.55 0.99
CA GLN D 31 -18.58 13.18 2.40
C GLN D 31 -19.58 12.04 2.57
N LYS D 32 -20.70 12.11 1.85
CA LYS D 32 -21.66 11.02 1.89
C LYS D 32 -21.03 9.72 1.37
N ASP D 33 -20.26 9.83 0.28
CA ASP D 33 -19.57 8.66 -0.26
C ASP D 33 -18.53 8.13 0.71
N LYS D 34 -17.84 9.02 1.43
CA LYS D 34 -16.86 8.59 2.43
C LYS D 34 -17.52 7.78 3.52
N GLN D 35 -18.67 8.24 4.01
CA GLN D 35 -19.41 7.44 4.99
C GLN D 35 -19.81 6.09 4.42
N VAL D 36 -20.43 6.09 3.24
CA VAL D 36 -20.95 4.84 2.68
C VAL D 36 -19.84 3.90 2.22
N TYR D 37 -18.61 4.40 2.07
CA TYR D 37 -17.48 3.58 1.63
C TYR D 37 -16.67 3.06 2.79
N ARG D 38 -16.45 3.88 3.83
CA ARG D 38 -15.85 3.35 5.05
C ARG D 38 -16.78 2.39 5.76
N ALA D 39 -18.09 2.49 5.53
CA ALA D 39 -19.02 1.50 6.04
C ALA D 39 -19.02 0.20 5.24
N THR D 40 -18.34 0.16 4.11
CA THR D 40 -18.33 -1.01 3.22
C THR D 40 -17.00 -1.73 3.33
N HIS D 41 -17.05 -3.04 3.55
CA HIS D 41 -15.85 -3.86 3.68
C HIS D 41 -15.65 -4.66 2.40
N ARG D 42 -14.48 -4.52 1.79
CA ARG D 42 -14.17 -5.17 0.52
C ARG D 42 -13.27 -6.39 0.75
N LEU D 43 -13.55 -7.45 0.01
CA LEU D 43 -12.78 -8.68 0.06
C LEU D 43 -12.56 -9.19 -1.36
N LEU D 44 -11.43 -9.85 -1.58
CA LEU D 44 -11.13 -10.51 -2.85
C LEU D 44 -11.04 -12.00 -2.61
N LEU D 45 -11.79 -12.77 -3.39
CA LEU D 45 -11.72 -14.23 -3.34
C LEU D 45 -10.73 -14.69 -4.40
N LEU D 46 -9.81 -15.58 -4.01
CA LEU D 46 -8.74 -15.99 -4.91
C LEU D 46 -8.51 -17.48 -4.80
N GLY D 47 -8.36 -18.11 -5.96
CA GLY D 47 -8.07 -19.54 -6.04
C GLY D 47 -7.97 -19.95 -7.48
N ALA D 48 -7.88 -21.26 -7.69
CA ALA D 48 -7.92 -21.78 -9.05
C ALA D 48 -9.36 -22.11 -9.44
N GLY D 49 -9.55 -22.41 -10.73
CA GLY D 49 -10.87 -22.73 -11.23
C GLY D 49 -11.47 -23.96 -10.59
N GLU D 50 -10.66 -24.99 -10.39
CA GLU D 50 -11.09 -26.21 -9.72
C GLU D 50 -10.90 -26.17 -8.22
N SER D 51 -10.26 -25.11 -7.70
CA SER D 51 -10.04 -25.02 -6.26
C SER D 51 -11.32 -24.77 -5.49
N GLY D 52 -12.34 -24.21 -6.12
CA GLY D 52 -13.61 -24.01 -5.45
C GLY D 52 -14.04 -22.56 -5.33
N LYS D 53 -13.65 -21.72 -6.29
CA LYS D 53 -14.12 -20.35 -6.31
C LYS D 53 -15.63 -20.28 -6.48
N ASN D 54 -16.16 -21.06 -7.42
CA ASN D 54 -17.57 -20.98 -7.77
C ASN D 54 -18.48 -21.46 -6.63
N THR D 55 -18.08 -22.53 -5.94
CA THR D 55 -18.92 -23.03 -4.85
C THR D 55 -18.92 -22.10 -3.65
N ILE D 56 -17.81 -21.42 -3.38
CA ILE D 56 -17.79 -20.43 -2.31
C ILE D 56 -18.61 -19.21 -2.71
N VAL D 57 -18.53 -18.80 -3.98
CA VAL D 57 -19.34 -17.69 -4.47
C VAL D 57 -20.83 -18.03 -4.38
N LYS D 58 -21.18 -19.29 -4.65
CA LYS D 58 -22.57 -19.74 -4.67
C LYS D 58 -23.26 -19.63 -3.31
N GLN D 59 -22.50 -19.45 -2.22
CA GLN D 59 -23.09 -19.27 -0.90
C GLN D 59 -23.50 -17.84 -0.63
N MET D 60 -23.28 -16.93 -1.58
CA MET D 60 -23.46 -15.48 -1.46
C MET D 60 -23.32 -14.92 -0.05
N SER D 205 -16.84 -8.70 -18.84
CA SER D 205 -16.10 -8.38 -17.63
C SER D 205 -15.15 -9.51 -17.24
N GLY D 206 -13.92 -9.13 -16.91
CA GLY D 206 -12.92 -10.09 -16.46
C GLY D 206 -13.02 -10.38 -14.97
N ILE D 207 -13.79 -9.56 -14.26
CA ILE D 207 -14.02 -9.73 -12.82
C ILE D 207 -15.52 -9.75 -12.56
N PHE D 208 -15.89 -10.25 -11.38
CA PHE D 208 -17.28 -10.27 -10.96
C PHE D 208 -17.41 -9.76 -9.53
N GLU D 209 -18.57 -9.22 -9.23
CA GLU D 209 -18.88 -8.55 -7.96
C GLU D 209 -19.98 -9.31 -7.24
N THR D 210 -19.97 -9.24 -5.90
CA THR D 210 -21.06 -9.80 -5.11
C THR D 210 -21.21 -8.96 -3.85
N LYS D 211 -22.32 -8.25 -3.72
CA LYS D 211 -22.59 -7.45 -2.54
C LYS D 211 -23.62 -8.16 -1.67
N PHE D 212 -23.28 -8.37 -0.41
CA PHE D 212 -24.19 -9.01 0.53
C PHE D 212 -24.10 -8.33 1.89
N GLN D 213 -24.99 -8.72 2.79
CA GLN D 213 -25.09 -8.12 4.11
C GLN D 213 -25.12 -9.22 5.17
N VAL D 214 -24.27 -9.08 6.18
CA VAL D 214 -24.24 -9.99 7.32
C VAL D 214 -24.47 -9.13 8.56
N ASP D 215 -25.71 -9.10 9.04
CA ASP D 215 -26.15 -8.29 10.17
C ASP D 215 -25.80 -6.82 9.90
N LYS D 216 -26.48 -6.29 8.88
CA LYS D 216 -26.41 -4.88 8.49
C LYS D 216 -24.98 -4.41 8.23
N VAL D 217 -24.14 -5.29 7.69
CA VAL D 217 -22.76 -4.95 7.34
C VAL D 217 -22.55 -5.26 5.86
N ASN D 218 -22.16 -4.25 5.10
CA ASN D 218 -22.04 -4.39 3.65
C ASN D 218 -20.70 -5.00 3.30
N PHE D 219 -20.71 -6.27 2.86
CA PHE D 219 -19.53 -6.95 2.38
C PHE D 219 -19.58 -7.04 0.87
N HIS D 220 -18.54 -6.54 0.21
CA HIS D 220 -18.40 -6.60 -1.24
C HIS D 220 -17.27 -7.60 -1.54
N MET D 221 -17.65 -8.78 -1.99
CA MET D 221 -16.69 -9.83 -2.32
C MET D 221 -16.52 -9.89 -3.84
N PHE D 222 -15.28 -9.81 -4.29
CA PHE D 222 -14.97 -9.71 -5.71
C PHE D 222 -14.17 -10.94 -6.12
N ASP D 223 -14.58 -11.60 -7.20
CA ASP D 223 -13.87 -12.76 -7.70
C ASP D 223 -13.33 -12.47 -9.10
N VAL D 224 -12.04 -12.74 -9.28
CA VAL D 224 -11.38 -12.49 -10.56
C VAL D 224 -11.68 -13.66 -11.50
N GLY D 225 -12.26 -13.35 -12.65
CA GLY D 225 -12.63 -14.38 -13.62
C GLY D 225 -11.70 -14.42 -14.81
N ALA D 226 -12.11 -13.79 -15.91
CA ALA D 226 -11.31 -13.80 -17.13
C ALA D 226 -10.10 -12.91 -17.00
N GLN D 227 -8.99 -13.47 -16.52
CA GLN D 227 -7.76 -12.72 -16.32
C GLN D 227 -6.58 -13.67 -16.55
N ARG D 228 -5.44 -13.07 -16.89
CA ARG D 228 -4.24 -13.87 -17.11
C ARG D 228 -3.65 -14.33 -15.78
N ASP D 229 -2.89 -15.42 -15.84
CA ASP D 229 -2.36 -16.05 -14.65
C ASP D 229 -1.24 -15.25 -13.99
N GLU D 230 -0.68 -14.25 -14.67
CA GLU D 230 0.39 -13.43 -14.11
C GLU D 230 -0.22 -12.48 -13.09
N ARG D 231 -0.07 -12.80 -11.80
CA ARG D 231 -0.70 -12.05 -10.72
C ARG D 231 0.25 -11.04 -10.07
N ARG D 232 1.44 -10.85 -10.64
CA ARG D 232 2.47 -10.07 -9.95
C ARG D 232 2.20 -8.58 -9.96
N LYS D 233 1.24 -8.09 -10.74
CA LYS D 233 1.04 -6.64 -10.81
C LYS D 233 -0.41 -6.18 -10.72
N TRP D 234 -1.40 -7.01 -11.02
CA TRP D 234 -2.78 -6.60 -10.79
C TRP D 234 -3.27 -6.92 -9.39
N ILE D 235 -2.47 -7.65 -8.59
CA ILE D 235 -2.82 -7.87 -7.20
C ILE D 235 -2.46 -6.67 -6.33
N GLN D 236 -1.56 -5.80 -6.81
CA GLN D 236 -1.18 -4.61 -6.06
C GLN D 236 -2.35 -3.65 -5.85
N CYS D 237 -3.40 -3.78 -6.65
CA CYS D 237 -4.62 -3.01 -6.45
C CYS D 237 -5.36 -3.37 -5.18
N PHE D 238 -4.99 -4.45 -4.51
CA PHE D 238 -5.76 -4.97 -3.39
C PHE D 238 -4.96 -4.95 -2.09
N ASN D 239 -4.28 -3.83 -1.84
CA ASN D 239 -3.66 -3.62 -0.54
C ASN D 239 -4.58 -2.95 0.46
N ASP D 240 -5.77 -2.52 0.02
CA ASP D 240 -6.71 -1.81 0.88
C ASP D 240 -7.90 -2.68 1.31
N VAL D 241 -8.00 -3.92 0.81
CA VAL D 241 -9.08 -4.79 1.24
C VAL D 241 -8.84 -5.23 2.67
N THR D 242 -9.93 -5.34 3.44
CA THR D 242 -9.81 -5.76 4.83
C THR D 242 -9.34 -7.19 4.94
N ALA D 243 -9.59 -8.02 3.93
CA ALA D 243 -9.18 -9.42 3.95
C ALA D 243 -9.04 -9.91 2.52
N ILE D 244 -8.34 -11.04 2.38
CA ILE D 244 -8.17 -11.72 1.11
C ILE D 244 -8.55 -13.17 1.32
N ILE D 245 -9.72 -13.57 0.84
CA ILE D 245 -10.14 -14.96 0.94
C ILE D 245 -9.30 -15.81 0.01
N PHE D 246 -8.72 -16.87 0.53
CA PHE D 246 -7.85 -17.76 -0.22
C PHE D 246 -8.45 -19.15 -0.18
N VAL D 247 -8.98 -19.62 -1.30
CA VAL D 247 -9.62 -20.92 -1.39
C VAL D 247 -8.68 -21.87 -2.12
N VAL D 248 -8.34 -22.98 -1.47
CA VAL D 248 -7.43 -23.97 -2.02
C VAL D 248 -8.13 -25.32 -2.05
N ALA D 249 -7.63 -26.22 -2.89
CA ALA D 249 -8.17 -27.57 -3.04
C ALA D 249 -7.27 -28.52 -2.24
N SER D 250 -7.65 -28.77 -1.00
CA SER D 250 -6.86 -29.64 -0.13
C SER D 250 -6.82 -31.08 -0.63
N SER D 251 -7.94 -31.58 -1.15
CA SER D 251 -8.00 -32.97 -1.60
C SER D 251 -7.08 -33.22 -2.79
N SER D 252 -7.06 -32.31 -3.76
CA SER D 252 -6.36 -32.53 -5.02
C SER D 252 -4.86 -32.40 -4.79
N TYR D 253 -4.23 -33.52 -4.46
CA TYR D 253 -2.78 -33.59 -4.33
C TYR D 253 -2.15 -34.56 -5.32
N ASN D 254 -2.95 -35.24 -6.13
CA ASN D 254 -2.43 -36.19 -7.11
C ASN D 254 -2.25 -35.54 -8.47
N ARG D 258 -4.05 -40.54 -10.18
CA ARG D 258 -4.71 -39.34 -10.68
C ARG D 258 -3.69 -38.24 -10.99
N GLU D 259 -3.97 -37.48 -12.06
CA GLU D 259 -3.11 -36.37 -12.48
C GLU D 259 -4.03 -35.24 -12.93
N ASP D 260 -4.16 -34.22 -12.10
CA ASP D 260 -5.07 -33.10 -12.37
C ASP D 260 -4.29 -31.80 -12.31
N ASN D 261 -4.32 -31.06 -13.43
CA ASN D 261 -3.76 -29.70 -13.54
C ASN D 261 -2.26 -29.75 -13.23
N GLN D 262 -1.76 -29.02 -12.22
CA GLN D 262 -0.34 -29.11 -11.90
C GLN D 262 0.04 -30.42 -11.23
N THR D 263 -0.93 -31.20 -10.74
CA THR D 263 -0.77 -32.45 -9.99
C THR D 263 -0.08 -32.24 -8.64
N ASN D 264 0.28 -31.00 -8.29
CA ASN D 264 0.85 -30.66 -6.99
C ASN D 264 0.14 -29.41 -6.50
N ARG D 265 -1.19 -29.45 -6.54
CA ARG D 265 -2.02 -28.27 -6.32
C ARG D 265 -1.75 -27.62 -4.98
N LEU D 266 -1.53 -28.43 -3.93
CA LEU D 266 -1.16 -27.86 -2.64
C LEU D 266 0.19 -27.16 -2.69
N GLN D 267 1.15 -27.72 -3.43
CA GLN D 267 2.45 -27.06 -3.53
C GLN D 267 2.34 -25.73 -4.27
N ALA D 268 1.57 -25.70 -5.36
CA ALA D 268 1.37 -24.44 -6.09
C ALA D 268 0.62 -23.43 -5.24
N ALA D 269 -0.39 -23.87 -4.50
CA ALA D 269 -1.12 -22.97 -3.62
C ALA D 269 -0.24 -22.44 -2.51
N LEU D 270 0.64 -23.28 -1.95
CA LEU D 270 1.57 -22.84 -0.93
C LEU D 270 2.56 -21.83 -1.48
N LYS D 271 3.04 -22.05 -2.71
CA LYS D 271 3.94 -21.07 -3.32
C LYS D 271 3.24 -19.74 -3.57
N LEU D 272 1.99 -19.79 -4.05
CA LEU D 272 1.23 -18.56 -4.26
C LEU D 272 0.99 -17.83 -2.94
N PHE D 273 0.66 -18.58 -1.89
CA PHE D 273 0.46 -18.00 -0.57
C PHE D 273 1.74 -17.38 -0.03
N ASP D 274 2.87 -18.04 -0.26
CA ASP D 274 4.16 -17.50 0.14
C ASP D 274 4.47 -16.20 -0.59
N SER D 275 4.17 -16.16 -1.89
CA SER D 275 4.40 -14.92 -2.64
C SER D 275 3.48 -13.80 -2.19
N ILE D 276 2.22 -14.13 -1.89
CA ILE D 276 1.28 -13.13 -1.42
C ILE D 276 1.70 -12.58 -0.05
N TRP D 277 2.12 -13.48 0.85
CA TRP D 277 2.48 -13.07 2.21
C TRP D 277 3.68 -12.13 2.21
N ASN D 278 4.69 -12.42 1.42
CA ASN D 278 5.94 -11.67 1.44
C ASN D 278 5.94 -10.51 0.46
N ASN D 279 4.81 -10.24 -0.20
CA ASN D 279 4.72 -9.09 -1.09
C ASN D 279 4.86 -7.80 -0.29
N LYS D 280 5.58 -6.83 -0.85
CA LYS D 280 5.86 -5.59 -0.14
C LYS D 280 4.66 -4.66 -0.07
N TRP D 281 3.59 -4.94 -0.81
CA TRP D 281 2.37 -4.14 -0.75
C TRP D 281 1.21 -4.84 -0.08
N LEU D 282 1.19 -6.18 -0.07
CA LEU D 282 0.13 -6.94 0.57
C LEU D 282 0.48 -7.29 2.02
N ARG D 283 1.43 -6.58 2.63
CA ARG D 283 1.84 -6.88 3.99
C ARG D 283 0.82 -6.42 5.02
N ASP D 284 -0.10 -5.53 4.66
CA ASP D 284 -1.07 -4.99 5.59
C ASP D 284 -2.45 -5.66 5.47
N THR D 285 -2.61 -6.64 4.60
CA THR D 285 -3.88 -7.31 4.39
C THR D 285 -3.81 -8.72 4.94
N SER D 286 -4.59 -8.99 5.98
CA SER D 286 -4.70 -10.34 6.50
C SER D 286 -5.42 -11.24 5.50
N VAL D 287 -5.03 -12.50 5.45
CA VAL D 287 -5.48 -13.43 4.42
C VAL D 287 -6.33 -14.49 5.09
N ILE D 288 -7.65 -14.41 4.89
CA ILE D 288 -8.53 -15.51 5.26
C ILE D 288 -8.25 -16.68 4.32
N LEU D 289 -8.12 -17.88 4.88
CA LEU D 289 -7.77 -19.05 4.12
C LEU D 289 -8.84 -20.12 4.31
N PHE D 290 -9.35 -20.65 3.21
CA PHE D 290 -10.36 -21.69 3.22
C PHE D 290 -9.78 -22.97 2.65
N LEU D 291 -9.87 -24.05 3.41
CA LEU D 291 -9.44 -25.38 2.95
C LEU D 291 -10.68 -26.08 2.41
N ASN D 292 -10.88 -25.96 1.10
CA ASN D 292 -12.06 -26.55 0.47
C ASN D 292 -11.84 -28.03 0.20
N LYS D 293 -12.95 -28.72 -0.12
CA LYS D 293 -12.96 -30.15 -0.45
C LYS D 293 -12.38 -30.98 0.70
N GLN D 294 -13.06 -30.91 1.84
CA GLN D 294 -12.64 -31.70 3.00
C GLN D 294 -13.24 -33.10 2.99
N ASP D 295 -14.49 -33.23 2.55
CA ASP D 295 -15.07 -34.57 2.40
C ASP D 295 -14.33 -35.38 1.36
N LEU D 296 -13.95 -34.75 0.24
CA LEU D 296 -13.18 -35.44 -0.79
C LEU D 296 -11.82 -35.88 -0.25
N LEU D 297 -11.16 -35.01 0.52
CA LEU D 297 -9.88 -35.36 1.13
C LEU D 297 -10.03 -36.53 2.09
N ALA D 298 -11.09 -36.51 2.91
CA ALA D 298 -11.33 -37.61 3.84
C ALA D 298 -11.56 -38.91 3.10
N GLU D 299 -12.38 -38.88 2.05
CA GLU D 299 -12.65 -40.10 1.28
C GLU D 299 -11.39 -40.62 0.61
N LYS D 300 -10.56 -39.73 0.06
CA LYS D 300 -9.37 -40.17 -0.64
C LYS D 300 -8.23 -40.56 0.30
N VAL D 301 -8.27 -40.14 1.57
CA VAL D 301 -7.21 -40.45 2.50
C VAL D 301 -7.55 -41.58 3.46
N LEU D 302 -8.83 -41.91 3.67
CA LEU D 302 -9.16 -43.04 4.52
C LEU D 302 -8.75 -44.36 3.87
N ALA D 303 -8.95 -44.48 2.56
CA ALA D 303 -8.54 -45.67 1.82
C ALA D 303 -8.24 -45.23 0.38
N GLY D 304 -6.96 -45.00 0.10
CA GLY D 304 -6.56 -44.56 -1.22
C GLY D 304 -5.25 -45.20 -1.63
N LYS D 305 -5.15 -45.47 -2.93
CA LYS D 305 -3.90 -46.03 -3.48
C LYS D 305 -2.76 -45.04 -3.36
N SER D 306 -3.03 -43.76 -3.59
CA SER D 306 -2.02 -42.71 -3.53
C SER D 306 -1.99 -42.12 -2.14
N LYS D 307 -0.85 -42.23 -1.47
CA LYS D 307 -0.65 -41.69 -0.14
C LYS D 307 -0.01 -40.32 -0.28
N ILE D 308 -0.33 -39.41 0.66
CA ILE D 308 0.27 -38.08 0.66
C ILE D 308 1.79 -38.15 0.82
N GLU D 309 2.30 -39.25 1.37
CA GLU D 309 3.75 -39.47 1.39
C GLU D 309 4.28 -39.61 -0.03
N ASP D 310 5.56 -39.29 -0.20
CA ASP D 310 6.28 -39.11 -1.47
C ASP D 310 5.85 -37.84 -2.19
N TYR D 311 4.85 -37.13 -1.67
CA TYR D 311 4.54 -35.77 -2.09
C TYR D 311 4.95 -34.73 -1.06
N PHE D 312 4.87 -35.09 0.23
CA PHE D 312 5.38 -34.26 1.32
C PHE D 312 6.19 -35.18 2.22
N PRO D 313 7.49 -34.96 2.38
CA PRO D 313 8.33 -35.88 3.17
C PRO D 313 8.33 -35.63 4.67
N GLU D 314 7.41 -34.82 5.19
CA GLU D 314 7.34 -34.54 6.62
C GLU D 314 6.05 -35.06 7.24
N PHE D 315 5.42 -36.07 6.62
CA PHE D 315 4.28 -36.72 7.24
C PHE D 315 4.70 -37.62 8.39
N ALA D 316 5.84 -38.30 8.26
CA ALA D 316 6.30 -39.21 9.31
C ALA D 316 6.62 -38.47 10.60
N ARG D 317 7.20 -37.28 10.52
CA ARG D 317 7.54 -36.49 11.69
C ARG D 317 6.42 -35.54 12.08
N TYR D 318 5.18 -35.86 11.73
CA TYR D 318 4.02 -35.03 12.04
C TYR D 318 2.93 -35.90 12.63
N THR D 319 2.32 -35.42 13.71
CA THR D 319 1.19 -36.07 14.34
C THR D 319 0.12 -35.04 14.63
N THR D 320 -1.05 -35.51 15.06
CA THR D 320 -2.16 -34.61 15.36
C THR D 320 -1.78 -33.70 16.52
N PRO D 321 -1.91 -32.39 16.38
CA PRO D 321 -1.51 -31.48 17.45
C PRO D 321 -2.41 -31.61 18.67
N GLU D 322 -1.84 -31.26 19.82
CA GLU D 322 -2.58 -31.35 21.08
C GLU D 322 -3.72 -30.33 21.13
N ASP D 323 -3.61 -29.25 20.37
CA ASP D 323 -4.64 -28.21 20.33
C ASP D 323 -5.67 -28.45 19.23
N ALA D 324 -5.61 -29.60 18.56
CA ALA D 324 -6.52 -29.88 17.46
C ALA D 324 -7.95 -30.04 17.98
N THR D 325 -8.90 -29.85 17.06
CA THR D 325 -10.33 -29.91 17.37
C THR D 325 -10.99 -30.95 16.45
N PRO D 326 -10.87 -32.24 16.78
CA PRO D 326 -11.54 -33.28 16.00
C PRO D 326 -13.03 -33.38 16.32
N GLU D 327 -13.75 -32.28 16.07
CA GLU D 327 -15.17 -32.23 16.42
C GLU D 327 -16.01 -33.27 15.67
N PRO D 328 -15.88 -33.44 14.34
CA PRO D 328 -16.57 -34.57 13.71
C PRO D 328 -15.76 -35.84 13.88
N GLY D 329 -16.42 -36.89 14.36
CA GLY D 329 -15.73 -38.17 14.55
C GLY D 329 -15.33 -38.81 13.24
N GLU D 330 -14.04 -38.76 12.93
CA GLU D 330 -13.49 -39.28 11.68
C GLU D 330 -12.27 -40.14 11.99
N ASP D 331 -11.60 -40.59 10.93
CA ASP D 331 -10.37 -41.33 11.09
C ASP D 331 -9.27 -40.41 11.61
N PRO D 332 -8.36 -40.91 12.47
CA PRO D 332 -7.24 -40.08 12.90
C PRO D 332 -6.35 -39.61 11.76
N ARG D 333 -6.23 -40.39 10.68
CA ARG D 333 -5.44 -39.97 9.53
C ARG D 333 -6.06 -38.77 8.84
N VAL D 334 -7.40 -38.69 8.81
CA VAL D 334 -8.08 -37.54 8.21
C VAL D 334 -7.73 -36.27 8.97
N THR D 335 -7.81 -36.31 10.30
CA THR D 335 -7.45 -35.17 11.13
C THR D 335 -5.97 -34.84 10.97
N ARG D 336 -5.13 -35.86 10.90
CA ARG D 336 -3.69 -35.65 10.72
C ARG D 336 -3.40 -34.90 9.43
N ALA D 337 -4.03 -35.33 8.33
CA ALA D 337 -3.83 -34.66 7.05
C ALA D 337 -4.39 -33.25 7.04
N LYS D 338 -5.57 -33.06 7.65
CA LYS D 338 -6.19 -31.74 7.68
C LYS D 338 -5.31 -30.74 8.41
N TYR D 339 -4.90 -31.07 9.63
CA TYR D 339 -4.01 -30.16 10.34
C TYR D 339 -2.59 -30.15 9.79
N PHE D 340 -2.20 -31.17 9.00
CA PHE D 340 -0.94 -31.07 8.29
C PHE D 340 -1.00 -29.94 7.27
N ILE D 341 -2.04 -29.92 6.44
CA ILE D 341 -2.19 -28.86 5.44
C ILE D 341 -2.33 -27.51 6.13
N ARG D 342 -3.10 -27.47 7.22
CA ARG D 342 -3.25 -26.23 7.98
C ARG D 342 -1.92 -25.73 8.51
N ASP D 343 -1.09 -26.64 9.03
CA ASP D 343 0.21 -26.22 9.56
C ASP D 343 1.19 -25.86 8.45
N GLU D 344 1.08 -26.50 7.28
CA GLU D 344 1.90 -26.09 6.15
C GLU D 344 1.58 -24.67 5.74
N PHE D 345 0.30 -24.30 5.74
CA PHE D 345 -0.05 -22.92 5.44
C PHE D 345 0.40 -21.98 6.56
N LEU D 346 0.22 -22.39 7.81
CA LEU D 346 0.59 -21.54 8.95
C LEU D 346 2.10 -21.36 9.07
N ARG D 347 2.89 -22.29 8.52
CA ARG D 347 4.35 -22.12 8.54
C ARG D 347 4.77 -20.89 7.77
N ILE D 348 4.15 -20.66 6.60
CA ILE D 348 4.43 -19.44 5.85
C ILE D 348 3.67 -18.27 6.43
N SER D 349 2.52 -18.51 7.06
CA SER D 349 1.77 -17.41 7.66
C SER D 349 2.53 -16.78 8.81
N THR D 350 3.17 -17.58 9.65
CA THR D 350 3.85 -17.08 10.85
C THR D 350 5.33 -16.82 10.64
N ALA D 351 5.87 -17.11 9.46
CA ALA D 351 7.28 -16.85 9.20
C ALA D 351 7.57 -15.39 8.87
N SER D 352 6.54 -14.60 8.57
CA SER D 352 6.74 -13.20 8.23
C SER D 352 5.46 -12.44 8.53
N GLY D 353 5.59 -11.12 8.57
CA GLY D 353 4.45 -10.27 8.85
C GLY D 353 4.70 -9.34 10.02
N ASP D 354 5.43 -9.82 11.02
CA ASP D 354 5.77 -9.06 12.23
C ASP D 354 4.51 -8.55 12.94
N GLY D 355 3.45 -9.36 12.90
CA GLY D 355 2.21 -9.00 13.55
C GLY D 355 1.32 -8.05 12.77
N ARG D 356 1.73 -7.65 11.55
CA ARG D 356 0.91 -6.73 10.77
C ARG D 356 -0.34 -7.41 10.23
N HIS D 357 -0.22 -8.68 9.84
CA HIS D 357 -1.35 -9.41 9.29
C HIS D 357 -1.21 -10.89 9.65
N TYR D 358 -2.35 -11.57 9.73
CA TYR D 358 -2.39 -12.97 10.13
C TYR D 358 -3.29 -13.76 9.21
N CYS D 359 -3.17 -15.09 9.28
CA CYS D 359 -3.99 -16.00 8.52
C CYS D 359 -5.11 -16.55 9.41
N TYR D 360 -6.24 -16.90 8.79
CA TYR D 360 -7.41 -17.40 9.51
C TYR D 360 -7.90 -18.65 8.82
N PRO D 361 -7.22 -19.78 9.02
CA PRO D 361 -7.62 -21.01 8.34
C PRO D 361 -8.95 -21.53 8.85
N HIS D 362 -9.67 -22.23 7.96
CA HIS D 362 -10.95 -22.83 8.28
C HIS D 362 -11.02 -24.17 7.55
N PHE D 363 -12.21 -24.77 7.57
CA PHE D 363 -12.45 -26.04 6.88
C PHE D 363 -13.83 -25.95 6.22
N THR D 364 -13.83 -25.51 4.97
CA THR D 364 -15.07 -25.35 4.21
C THR D 364 -15.36 -26.63 3.44
N CYS D 365 -16.47 -27.28 3.76
CA CYS D 365 -16.88 -28.49 3.06
C CYS D 365 -17.70 -28.21 1.82
N ALA D 366 -17.97 -26.94 1.51
CA ALA D 366 -18.75 -26.52 0.34
C ALA D 366 -20.16 -27.10 0.35
N VAL D 367 -20.69 -27.39 1.54
CA VAL D 367 -22.03 -27.90 1.69
C VAL D 367 -22.84 -27.13 2.73
N ASP D 368 -22.28 -26.07 3.30
CA ASP D 368 -22.93 -25.32 4.36
C ASP D 368 -22.95 -23.84 4.00
N THR D 369 -23.89 -23.12 4.58
CA THR D 369 -24.05 -21.69 4.37
C THR D 369 -23.42 -20.86 5.48
N GLU D 370 -22.60 -21.48 6.34
CA GLU D 370 -21.95 -20.78 7.44
C GLU D 370 -20.66 -20.10 7.02
N ASN D 371 -20.25 -20.22 5.76
CA ASN D 371 -19.01 -19.59 5.31
C ASN D 371 -19.09 -18.07 5.35
N ILE D 372 -20.26 -17.50 5.03
CA ILE D 372 -20.43 -16.06 5.13
C ILE D 372 -20.30 -15.61 6.58
N ARG D 373 -20.86 -16.37 7.51
CA ARG D 373 -20.71 -16.05 8.92
C ARG D 373 -19.26 -16.15 9.37
N ARG D 374 -18.54 -17.16 8.86
CA ARG D 374 -17.12 -17.28 9.17
C ARG D 374 -16.33 -16.08 8.64
N VAL D 375 -16.65 -15.63 7.43
CA VAL D 375 -15.99 -14.47 6.86
C VAL D 375 -16.29 -13.22 7.68
N PHE D 376 -17.55 -13.08 8.12
CA PHE D 376 -17.93 -11.94 8.95
C PHE D 376 -17.19 -11.94 10.29
N ASN D 377 -17.10 -13.10 10.93
CA ASN D 377 -16.36 -13.22 12.18
C ASN D 377 -14.88 -12.92 11.97
N ASP D 378 -14.32 -13.40 10.87
CA ASP D 378 -12.90 -13.16 10.60
C ASP D 378 -12.63 -11.69 10.31
N CYS D 379 -13.53 -11.02 9.61
CA CYS D 379 -13.37 -9.58 9.39
C CYS D 379 -13.46 -8.81 10.70
N ARG D 380 -14.40 -9.20 11.57
CA ARG D 380 -14.49 -8.56 12.88
C ARG D 380 -13.22 -8.76 13.68
N ASP D 381 -12.68 -9.97 13.67
CA ASP D 381 -11.43 -10.25 14.37
C ASP D 381 -10.27 -9.49 13.75
N ILE D 382 -10.26 -9.33 12.43
CA ILE D 382 -9.20 -8.60 11.74
C ILE D 382 -9.19 -7.15 12.19
N ILE D 383 -10.36 -6.51 12.21
CA ILE D 383 -10.43 -5.12 12.60
C ILE D 383 -10.13 -4.96 14.09
N GLN D 384 -10.57 -5.91 14.91
CA GLN D 384 -10.24 -5.86 16.34
C GLN D 384 -8.73 -5.96 16.55
N ARG D 385 -8.07 -6.86 15.82
CA ARG D 385 -6.62 -7.00 15.97
C ARG D 385 -5.89 -5.77 15.46
N MET D 386 -6.37 -5.17 14.36
CA MET D 386 -5.74 -3.95 13.86
C MET D 386 -5.88 -2.80 14.86
N HIS D 387 -7.06 -2.66 15.45
CA HIS D 387 -7.26 -1.62 16.45
C HIS D 387 -6.41 -1.87 17.69
N LEU D 388 -6.31 -3.13 18.12
CA LEU D 388 -5.50 -3.45 19.30
C LEU D 388 -4.03 -3.20 19.04
N ARG D 389 -3.54 -3.53 17.85
CA ARG D 389 -2.13 -3.29 17.53
C ARG D 389 -1.85 -1.79 17.40
N GLN D 390 -2.79 -1.04 16.83
CA GLN D 390 -2.57 0.40 16.67
C GLN D 390 -2.71 1.11 18.02
N TYR D 391 -3.49 0.56 18.94
CA TYR D 391 -3.61 1.09 20.30
C TYR D 391 -2.45 0.67 21.19
N GLU D 392 -1.49 -0.09 20.67
CA GLU D 392 -0.35 -0.61 21.42
C GLU D 392 -0.80 -1.52 22.57
N LEU D 393 -1.71 -2.44 22.26
CA LEU D 393 -2.11 -3.48 23.18
C LEU D 393 -1.70 -4.88 22.71
N LEU D 394 -2.06 -5.25 21.50
CA LEU D 394 -1.72 -6.57 20.98
C LEU D 394 -0.23 -6.69 20.70
N PHE E 117 9.73 33.19 47.49
CA PHE E 117 9.10 32.68 46.27
C PHE E 117 9.68 31.34 45.88
N SER E 118 9.31 30.29 46.61
CA SER E 118 9.83 28.95 46.35
C SER E 118 8.90 28.16 45.43
N PHE E 119 7.64 27.99 45.85
CA PHE E 119 6.69 27.16 45.10
C PHE E 119 6.40 27.73 43.72
N GLY E 120 6.50 29.05 43.57
CA GLY E 120 6.31 29.67 42.28
C GLY E 120 7.32 29.21 41.24
N VAL E 121 8.53 28.85 41.68
CA VAL E 121 9.56 28.39 40.75
C VAL E 121 9.16 27.06 40.12
N ILE E 122 8.74 26.10 40.95
CA ILE E 122 8.28 24.82 40.41
C ILE E 122 7.03 25.00 39.57
N LEU E 123 6.13 25.90 39.99
CA LEU E 123 4.97 26.20 39.15
C LEU E 123 5.39 26.74 37.79
N ALA E 124 6.39 27.62 37.77
CA ALA E 124 6.85 28.22 36.52
C ALA E 124 7.45 27.18 35.59
N VAL E 125 8.34 26.32 36.11
CA VAL E 125 8.97 25.34 35.23
C VAL E 125 7.94 24.31 34.77
N LEU E 126 7.01 23.93 35.65
CA LEU E 126 5.95 22.99 35.26
C LEU E 126 5.07 23.57 34.16
N ALA E 127 4.67 24.84 34.31
CA ALA E 127 3.84 25.48 33.30
C ALA E 127 4.58 25.62 31.99
N SER E 128 5.87 25.99 32.04
CA SER E 128 6.64 26.13 30.80
C SER E 128 6.79 24.80 30.09
N LEU E 129 7.09 23.72 30.83
CA LEU E 129 7.21 22.41 30.23
C LEU E 129 5.89 21.95 29.62
N ILE E 130 4.79 22.16 30.35
CA ILE E 130 3.46 21.80 29.84
C ILE E 130 3.18 22.54 28.56
N ILE E 131 3.40 23.85 28.55
CA ILE E 131 3.10 24.66 27.38
C ILE E 131 3.93 24.21 26.18
N ALA E 132 5.24 24.03 26.38
CA ALA E 132 6.12 23.67 25.27
C ALA E 132 5.76 22.30 24.69
N THR E 133 5.69 21.27 25.55
CA THR E 133 5.42 19.92 25.05
C THR E 133 4.03 19.83 24.45
N ASN E 134 3.04 20.47 25.08
CA ASN E 134 1.66 20.35 24.62
C ASN E 134 1.45 21.14 23.34
N THR E 135 2.11 22.29 23.19
CA THR E 135 2.04 23.02 21.93
C THR E 135 2.70 22.25 20.81
N LEU E 136 3.85 21.61 21.09
CA LEU E 136 4.49 20.78 20.08
C LEU E 136 3.58 19.64 19.63
N VAL E 137 2.99 18.94 20.60
CA VAL E 137 2.09 17.83 20.28
C VAL E 137 0.87 18.33 19.51
N ALA E 138 0.31 19.46 19.93
CA ALA E 138 -0.90 19.98 19.29
C ALA E 138 -0.63 20.39 17.85
N VAL E 139 0.49 21.09 17.59
CA VAL E 139 0.77 21.49 16.22
C VAL E 139 1.13 20.28 15.37
N ALA E 140 1.79 19.27 15.96
CA ALA E 140 2.08 18.05 15.19
C ALA E 140 0.80 17.32 14.80
N VAL E 141 -0.14 17.20 15.74
CA VAL E 141 -1.41 16.54 15.42
C VAL E 141 -2.23 17.38 14.45
N LEU E 142 -2.15 18.71 14.54
CA LEU E 142 -2.84 19.56 13.59
C LEU E 142 -2.28 19.41 12.18
N LEU E 143 -0.97 19.28 12.05
CA LEU E 143 -0.38 19.01 10.74
C LEU E 143 -0.70 17.60 10.26
N LEU E 144 -0.82 16.64 11.18
CA LEU E 144 -1.05 15.25 10.81
C LEU E 144 -2.50 14.99 10.42
N ILE E 145 -3.46 15.70 11.02
CA ILE E 145 -4.86 15.41 10.76
C ILE E 145 -5.25 15.84 9.35
N HIS E 146 -4.63 16.89 8.82
CA HIS E 146 -4.92 17.32 7.46
C HIS E 146 -4.36 16.35 6.42
N LYS E 147 -3.49 15.43 6.83
CA LYS E 147 -2.87 14.47 5.92
C LYS E 147 -3.40 13.06 6.07
N ASN E 148 -3.71 12.63 7.29
CA ASN E 148 -4.15 11.27 7.56
C ASN E 148 -5.63 11.14 7.87
N ASP E 149 -6.29 12.23 8.30
CA ASP E 149 -7.70 12.24 8.68
C ASP E 149 -8.00 11.25 9.80
N GLY E 150 -9.27 11.01 10.06
CA GLY E 150 -9.68 10.10 11.12
C GLY E 150 -10.50 10.81 12.17
N VAL E 151 -10.76 10.10 13.26
CA VAL E 151 -11.54 10.61 14.38
C VAL E 151 -10.73 10.62 15.68
N SER E 152 -9.94 9.57 15.93
CA SER E 152 -9.16 9.50 17.16
C SER E 152 -8.08 10.58 17.19
N LEU E 153 -7.55 10.97 16.03
CA LEU E 153 -6.58 12.05 15.98
C LEU E 153 -7.20 13.36 16.42
N CYS E 154 -8.48 13.59 16.09
CA CYS E 154 -9.18 14.77 16.59
C CYS E 154 -9.29 14.75 18.10
N PHE E 155 -9.53 13.57 18.68
CA PHE E 155 -9.59 13.47 20.14
C PHE E 155 -8.24 13.72 20.77
N THR E 156 -7.16 13.23 20.15
CA THR E 156 -5.83 13.52 20.67
C THR E 156 -5.50 15.00 20.59
N LEU E 157 -5.90 15.65 19.50
CA LEU E 157 -5.74 17.10 19.38
C LEU E 157 -6.53 17.81 20.47
N ASN E 158 -7.75 17.35 20.75
CA ASN E 158 -8.55 17.95 21.81
C ASN E 158 -7.89 17.78 23.17
N LEU E 159 -7.27 16.62 23.42
CA LEU E 159 -6.54 16.41 24.66
C LEU E 159 -5.36 17.38 24.78
N ALA E 160 -4.63 17.55 23.68
CA ALA E 160 -3.50 18.49 23.68
C ALA E 160 -3.97 19.90 23.95
N VAL E 161 -5.08 20.32 23.33
CA VAL E 161 -5.63 21.64 23.57
C VAL E 161 -6.08 21.78 25.02
N ALA E 162 -6.70 20.74 25.57
CA ALA E 162 -7.21 20.80 26.93
C ALA E 162 -6.07 20.97 27.94
N ASP E 163 -5.01 20.17 27.82
CA ASP E 163 -3.96 20.32 28.82
C ASP E 163 -3.01 21.49 28.52
N THR E 164 -2.96 22.00 27.29
CA THR E 164 -2.24 23.26 27.12
C THR E 164 -3.05 24.43 27.67
N LEU E 165 -4.38 24.33 27.67
CA LEU E 165 -5.18 25.30 28.41
C LEU E 165 -4.98 25.14 29.91
N ILE E 166 -4.79 23.90 30.39
CA ILE E 166 -4.40 23.69 31.78
C ILE E 166 -3.12 24.45 32.09
N GLY E 167 -2.13 24.34 31.20
CA GLY E 167 -0.87 25.02 31.41
C GLY E 167 -1.00 26.54 31.39
N VAL E 168 -1.81 27.06 30.47
CA VAL E 168 -1.99 28.52 30.42
C VAL E 168 -2.76 29.01 31.64
N ALA E 169 -3.66 28.18 32.19
CA ALA E 169 -4.32 28.54 33.44
C ALA E 169 -3.34 28.54 34.60
N ILE E 170 -2.41 27.57 34.61
CA ILE E 170 -1.35 27.56 35.62
C ILE E 170 -0.52 28.83 35.54
N SER E 171 -0.17 29.24 34.31
CA SER E 171 0.58 30.47 34.13
C SER E 171 -0.22 31.68 34.61
N GLY E 172 -1.52 31.68 34.36
CA GLY E 172 -2.37 32.75 34.85
C GLY E 172 -2.44 32.81 36.37
N LEU E 173 -2.39 31.66 37.03
CA LEU E 173 -2.41 31.60 38.48
C LEU E 173 -1.08 32.01 39.11
N LEU E 174 -0.01 32.10 38.31
CA LEU E 174 1.34 32.25 38.84
C LEU E 174 1.60 33.65 39.36
N THR E 175 0.94 34.67 38.81
CA THR E 175 1.33 36.06 39.06
C THR E 175 1.15 36.50 40.50
N ASP E 176 0.37 35.78 41.31
CA ASP E 176 0.17 36.15 42.70
C ASP E 176 0.97 35.29 43.67
N GLN E 177 1.30 34.06 43.30
CA GLN E 177 2.09 33.19 44.16
C GLN E 177 3.59 33.45 44.04
N LEU E 178 4.02 34.29 43.11
CA LEU E 178 5.43 34.64 42.97
C LEU E 178 5.79 35.94 43.67
N SER E 179 4.84 36.82 43.91
CA SER E 179 5.07 38.08 44.61
C SER E 179 4.65 37.92 46.07
N SER E 180 5.58 38.17 46.99
CA SER E 180 5.29 38.04 48.41
C SER E 180 4.19 38.98 48.90
N PRO E 181 4.19 40.30 48.57
CA PRO E 181 3.06 41.13 49.00
C PRO E 181 1.80 40.89 48.17
N SER E 182 1.03 39.88 48.55
CA SER E 182 -0.20 39.56 47.84
C SER E 182 -1.26 40.62 48.09
N ARG E 183 -1.89 41.11 47.03
CA ARG E 183 -3.02 42.01 47.18
C ARG E 183 -4.20 41.30 47.82
N PRO E 184 -5.07 42.03 48.52
CA PRO E 184 -6.34 41.44 48.96
C PRO E 184 -7.27 41.25 47.78
N THR E 185 -7.05 40.16 47.03
CA THR E 185 -7.78 39.94 45.79
C THR E 185 -9.27 39.77 46.05
N GLN E 186 -10.08 40.34 45.17
CA GLN E 186 -11.52 40.25 45.30
C GLN E 186 -11.99 38.83 44.99
N LYS E 187 -13.25 38.56 45.33
CA LYS E 187 -13.82 37.24 45.10
C LYS E 187 -13.90 36.93 43.61
N THR E 188 -14.23 37.93 42.78
CA THR E 188 -14.54 37.68 41.38
C THR E 188 -13.31 37.19 40.62
N LEU E 189 -12.18 37.89 40.74
CA LEU E 189 -11.00 37.55 39.94
C LEU E 189 -10.40 36.21 40.36
N CYS E 190 -10.23 36.02 41.67
CA CYS E 190 -9.68 34.76 42.18
C CYS E 190 -10.62 33.60 41.87
N SER E 191 -11.92 33.81 42.01
CA SER E 191 -12.90 32.78 41.67
C SER E 191 -12.84 32.44 40.18
N LEU E 192 -12.68 33.45 39.33
CA LEU E 192 -12.56 33.20 37.90
C LEU E 192 -11.31 32.38 37.58
N ARG E 193 -10.19 32.70 38.23
CA ARG E 193 -8.96 31.93 37.98
C ARG E 193 -9.12 30.49 38.43
N MET E 194 -9.67 30.27 39.63
CA MET E 194 -9.88 28.92 40.12
C MET E 194 -10.85 28.14 39.23
N ALA E 195 -11.92 28.79 38.78
CA ALA E 195 -12.88 28.15 37.91
C ALA E 195 -12.25 27.79 36.56
N PHE E 196 -11.40 28.66 36.03
CA PHE E 196 -10.69 28.36 34.79
C PHE E 196 -9.79 27.14 34.95
N VAL E 197 -9.04 27.09 36.06
CA VAL E 197 -8.15 25.95 36.29
C VAL E 197 -8.95 24.66 36.39
N THR E 198 -10.04 24.69 37.18
CA THR E 198 -10.85 23.49 37.37
C THR E 198 -11.52 23.06 36.08
N SER E 199 -12.02 24.01 35.29
CA SER E 199 -12.68 23.65 34.04
C SER E 199 -11.69 23.06 33.05
N SER E 200 -10.47 23.59 32.99
CA SER E 200 -9.46 23.01 32.12
C SER E 200 -9.09 21.60 32.56
N ALA E 201 -8.93 21.39 33.87
CA ALA E 201 -8.60 20.05 34.37
C ALA E 201 -9.71 19.05 34.09
N ALA E 202 -10.97 19.47 34.32
CA ALA E 202 -12.11 18.60 34.04
C ALA E 202 -12.24 18.33 32.55
N ALA E 203 -11.92 19.31 31.70
CA ALA E 203 -11.94 19.09 30.26
C ALA E 203 -10.91 18.04 29.87
N SER E 204 -9.71 18.11 30.45
CA SER E 204 -8.69 17.10 30.15
C SER E 204 -9.13 15.71 30.61
N VAL E 205 -9.70 15.63 31.82
CA VAL E 205 -10.12 14.32 32.33
C VAL E 205 -11.25 13.74 31.49
N LEU E 206 -12.25 14.56 31.15
CA LEU E 206 -13.35 14.09 30.33
C LEU E 206 -12.88 13.75 28.93
N THR E 207 -11.86 14.43 28.41
CA THR E 207 -11.33 14.08 27.11
C THR E 207 -10.63 12.73 27.14
N VAL E 208 -9.89 12.44 28.22
CA VAL E 208 -9.30 11.11 28.37
C VAL E 208 -10.39 10.05 28.45
N MET E 209 -11.45 10.33 29.20
CA MET E 209 -12.56 9.39 29.29
C MET E 209 -13.24 9.18 27.92
N LEU E 210 -13.39 10.27 27.16
CA LEU E 210 -14.00 10.16 25.84
C LEU E 210 -13.12 9.38 24.88
N ILE E 211 -11.80 9.55 24.98
CA ILE E 211 -10.88 8.76 24.17
C ILE E 211 -11.01 7.28 24.51
N THR E 212 -11.11 6.97 25.81
CA THR E 212 -11.31 5.58 26.21
C THR E 212 -12.62 5.03 25.68
N PHE E 213 -13.69 5.83 25.74
CA PHE E 213 -14.99 5.39 25.23
C PHE E 213 -14.92 5.15 23.72
N ASP E 214 -14.26 6.05 22.98
CA ASP E 214 -14.10 5.88 21.54
C ASP E 214 -13.32 4.61 21.22
N ARG E 215 -12.23 4.37 21.94
CA ARG E 215 -11.44 3.17 21.71
C ARG E 215 -12.24 1.91 22.01
N TYR E 216 -13.00 1.91 23.11
CA TYR E 216 -13.78 0.74 23.46
C TYR E 216 -14.90 0.50 22.45
N LEU E 217 -15.51 1.56 21.93
CA LEU E 217 -16.51 1.39 20.89
C LEU E 217 -15.89 0.87 19.60
N ALA E 218 -14.66 1.29 19.30
CA ALA E 218 -13.98 0.79 18.12
C ALA E 218 -13.62 -0.68 18.25
N ILE E 219 -13.25 -1.13 19.45
CA ILE E 219 -12.79 -2.50 19.63
C ILE E 219 -13.96 -3.46 19.84
N LYS E 220 -14.90 -3.12 20.72
CA LYS E 220 -15.95 -4.06 21.08
C LYS E 220 -16.94 -4.27 19.94
N GLN E 221 -17.34 -3.20 19.27
CA GLN E 221 -18.30 -3.26 18.16
C GLN E 221 -17.75 -2.49 16.99
N PRO E 222 -16.82 -3.08 16.23
CA PRO E 222 -16.11 -2.33 15.19
C PRO E 222 -16.97 -2.04 13.97
N PHE E 223 -17.81 -3.01 13.58
CA PHE E 223 -18.66 -2.83 12.41
C PHE E 223 -19.65 -1.70 12.60
N ARG E 224 -20.27 -1.61 13.77
CA ARG E 224 -21.14 -0.49 14.07
C ARG E 224 -20.36 0.78 14.36
N TYR E 225 -19.12 0.65 14.85
CA TYR E 225 -18.29 1.84 15.07
C TYR E 225 -17.96 2.55 13.76
N LEU E 226 -17.61 1.80 12.73
CA LEU E 226 -17.25 2.41 11.45
C LEU E 226 -18.42 3.09 10.77
N LYS E 227 -19.66 2.78 11.18
CA LYS E 227 -20.85 3.37 10.57
C LYS E 227 -21.46 4.47 11.42
N ILE E 228 -21.28 4.44 12.74
CA ILE E 228 -21.94 5.39 13.63
C ILE E 228 -20.84 6.24 14.29
N MET E 229 -19.77 6.48 13.56
CA MET E 229 -18.73 7.41 14.02
C MET E 229 -18.13 8.10 12.81
N SER E 230 -18.22 9.42 12.78
CA SER E 230 -17.70 10.23 11.68
C SER E 230 -17.26 11.57 12.26
N GLY E 231 -16.97 12.53 11.36
CA GLY E 231 -16.54 13.84 11.80
C GLY E 231 -17.61 14.62 12.53
N PHE E 232 -18.88 14.46 12.12
CA PHE E 232 -19.95 15.23 12.73
C PHE E 232 -20.18 14.82 14.18
N VAL E 233 -20.25 13.51 14.44
CA VAL E 233 -20.48 13.06 15.81
C VAL E 233 -19.26 13.34 16.68
N ALA E 234 -18.05 13.28 16.11
CA ALA E 234 -16.86 13.62 16.87
C ALA E 234 -16.86 15.09 17.26
N GLY E 235 -17.20 15.97 16.32
CA GLY E 235 -17.28 17.38 16.65
C GLY E 235 -18.38 17.70 17.65
N ALA E 236 -19.53 17.03 17.52
CA ALA E 236 -20.61 17.22 18.49
C ALA E 236 -20.18 16.76 19.88
N CYS E 237 -19.51 15.61 19.97
CA CYS E 237 -19.03 15.13 21.25
C CYS E 237 -17.99 16.07 21.85
N ILE E 238 -17.09 16.61 21.01
CA ILE E 238 -16.08 17.54 21.51
C ILE E 238 -16.71 18.81 22.05
N ALA E 239 -17.67 19.37 21.29
CA ALA E 239 -18.33 20.59 21.74
C ALA E 239 -19.13 20.36 23.00
N GLY E 240 -19.87 19.25 23.07
CA GLY E 240 -20.61 18.93 24.28
C GLY E 240 -19.70 18.71 25.47
N LEU E 241 -18.56 18.06 25.26
CA LEU E 241 -17.59 17.84 26.33
C LEU E 241 -17.04 19.16 26.85
N TRP E 242 -16.70 20.09 25.95
CA TRP E 242 -16.19 21.37 26.38
C TRP E 242 -17.26 22.16 27.13
N LEU E 243 -18.51 22.10 26.66
CA LEU E 243 -19.59 22.79 27.37
C LEU E 243 -19.82 22.21 28.76
N VAL E 244 -19.80 20.88 28.88
CA VAL E 244 -19.96 20.24 30.19
C VAL E 244 -18.79 20.59 31.10
N SER E 245 -17.58 20.67 30.55
CA SER E 245 -16.43 21.06 31.36
C SER E 245 -16.57 22.49 31.86
N TYR E 246 -17.00 23.42 31.00
CA TYR E 246 -17.21 24.79 31.43
C TYR E 246 -18.29 24.87 32.51
N LEU E 247 -19.39 24.14 32.32
CA LEU E 247 -20.45 24.14 33.32
C LEU E 247 -19.97 23.55 34.64
N ILE E 248 -19.21 22.46 34.59
CA ILE E 248 -18.74 21.82 35.81
C ILE E 248 -17.66 22.64 36.49
N GLY E 249 -17.02 23.55 35.76
CA GLY E 249 -16.10 24.47 36.39
C GLY E 249 -16.79 25.71 36.92
N PHE E 250 -18.00 25.98 36.44
CA PHE E 250 -18.65 27.25 36.77
C PHE E 250 -19.85 27.15 37.72
N LEU E 251 -20.48 25.97 37.89
CA LEU E 251 -21.67 25.96 38.77
C LEU E 251 -21.35 26.32 40.22
N PRO E 252 -20.24 25.84 40.83
CA PRO E 252 -20.01 26.17 42.25
C PRO E 252 -19.94 27.65 42.53
N LEU E 253 -19.57 28.47 41.54
CA LEU E 253 -19.64 29.92 41.72
C LEU E 253 -21.08 30.38 41.86
N GLY E 254 -21.99 29.82 41.06
CA GLY E 254 -23.38 30.25 41.12
C GLY E 254 -24.16 29.65 42.26
N ILE E 255 -23.77 28.48 42.74
CA ILE E 255 -24.50 27.78 43.80
C ILE E 255 -23.94 28.24 45.14
N PRO E 256 -24.75 28.82 46.03
CA PRO E 256 -24.24 29.23 47.34
C PRO E 256 -23.75 28.08 48.20
N MET E 257 -24.27 26.87 48.00
CA MET E 257 -23.83 25.72 48.79
C MET E 257 -22.37 25.41 48.52
N PHE E 258 -21.96 25.47 47.25
CA PHE E 258 -20.58 25.17 46.86
C PHE E 258 -19.72 26.42 46.91
N GLN E 259 -19.72 27.14 48.02
CA GLN E 259 -19.00 28.40 48.12
C GLN E 259 -18.41 28.54 49.51
N GLN E 260 -17.28 29.24 49.58
CA GLN E 260 -16.60 29.54 50.83
C GLN E 260 -16.74 31.03 51.13
N THR E 261 -17.15 31.34 52.36
CA THR E 261 -17.35 32.72 52.78
C THR E 261 -16.13 33.22 53.52
N ALA E 262 -16.15 34.51 53.87
CA ALA E 262 -15.11 35.18 54.65
C ALA E 262 -13.74 35.05 53.98
N TYR E 263 -13.66 35.67 52.80
CA TYR E 263 -12.41 35.69 52.05
C TYR E 263 -11.36 36.50 52.82
N LYS E 264 -10.33 35.82 53.30
CA LYS E 264 -9.26 36.51 54.02
C LYS E 264 -8.47 37.43 53.10
N GLY E 265 -8.22 37.00 51.87
CA GLY E 265 -7.48 37.81 50.91
C GLY E 265 -6.33 37.08 50.26
N GLN E 266 -6.25 35.77 50.47
CA GLN E 266 -5.21 34.94 49.88
C GLN E 266 -5.83 33.96 48.89
N CYS E 267 -5.29 33.94 47.68
CA CYS E 267 -5.84 33.14 46.60
C CYS E 267 -5.48 31.67 46.76
N SER E 268 -6.50 30.81 46.73
CA SER E 268 -6.36 29.37 46.72
C SER E 268 -7.70 28.78 46.31
N PHE E 269 -7.69 27.49 45.99
CA PHE E 269 -8.94 26.80 45.66
C PHE E 269 -9.92 26.83 46.82
N PHE E 270 -9.46 26.45 48.01
CA PHE E 270 -10.39 26.25 49.12
C PHE E 270 -10.65 27.56 49.86
N ALA E 271 -10.03 28.65 49.41
CA ALA E 271 -10.32 29.96 49.99
C ALA E 271 -11.58 30.55 49.35
N VAL E 272 -12.02 29.96 48.24
CA VAL E 272 -13.20 30.46 47.53
C VAL E 272 -14.23 29.36 47.38
N PHE E 273 -13.81 28.10 47.59
CA PHE E 273 -14.68 26.95 47.38
C PHE E 273 -14.73 26.11 48.65
N HIS E 274 -15.94 25.76 49.08
CA HIS E 274 -16.14 24.86 50.20
C HIS E 274 -15.87 23.43 49.77
N PRO E 275 -15.21 22.62 50.60
CA PRO E 275 -14.75 21.30 50.15
C PRO E 275 -15.86 20.31 49.78
N HIS E 276 -17.14 20.67 49.87
CA HIS E 276 -18.18 19.76 49.41
C HIS E 276 -18.15 19.56 47.90
N PHE E 277 -17.54 20.48 47.16
CA PHE E 277 -17.41 20.34 45.72
C PHE E 277 -16.62 19.09 45.36
N VAL E 278 -15.54 18.83 46.09
CA VAL E 278 -14.76 17.61 45.89
C VAL E 278 -15.61 16.38 46.20
N LEU E 279 -16.40 16.45 47.28
CA LEU E 279 -17.26 15.32 47.65
C LEU E 279 -18.25 14.99 46.54
N THR E 280 -18.91 16.01 45.99
CA THR E 280 -19.88 15.75 44.93
C THR E 280 -19.19 15.29 43.64
N LEU E 281 -18.02 15.85 43.32
CA LEU E 281 -17.30 15.43 42.13
C LEU E 281 -16.84 13.98 42.25
N SER E 282 -16.51 13.52 43.45
CA SER E 282 -16.20 12.12 43.66
C SER E 282 -17.44 11.26 43.65
N CYS E 283 -18.56 11.76 44.17
CA CYS E 283 -19.76 10.94 44.30
C CYS E 283 -20.41 10.69 42.94
N VAL E 284 -20.53 11.72 42.11
CA VAL E 284 -21.28 11.59 40.86
C VAL E 284 -20.43 11.89 39.62
N GLY E 285 -19.30 12.57 39.75
CA GLY E 285 -18.58 13.01 38.57
C GLY E 285 -17.36 12.20 38.18
N PHE E 286 -16.52 11.85 39.15
CA PHE E 286 -15.23 11.26 38.87
C PHE E 286 -15.18 9.75 39.07
N PHE E 287 -15.65 9.25 40.21
CA PHE E 287 -15.51 7.84 40.53
C PHE E 287 -16.39 6.94 39.66
N PRO E 288 -17.62 7.32 39.31
CA PRO E 288 -18.30 6.55 38.24
C PRO E 288 -17.53 6.55 36.93
N ALA E 289 -16.91 7.67 36.57
CA ALA E 289 -16.07 7.70 35.38
C ALA E 289 -14.85 6.79 35.55
N MET E 290 -14.29 6.75 36.76
CA MET E 290 -13.19 5.83 37.05
C MET E 290 -13.62 4.38 36.87
N LEU E 291 -14.79 4.02 37.39
CA LEU E 291 -15.27 2.65 37.25
C LEU E 291 -15.53 2.31 35.78
N LEU E 292 -16.10 3.24 35.02
CA LEU E 292 -16.33 3.01 33.60
C LEU E 292 -15.02 2.83 32.85
N PHE E 293 -14.01 3.66 33.16
CA PHE E 293 -12.71 3.53 32.52
C PHE E 293 -12.06 2.20 32.85
N VAL E 294 -12.11 1.80 34.12
CA VAL E 294 -11.50 0.54 34.54
C VAL E 294 -12.19 -0.64 33.88
N PHE E 295 -13.52 -0.62 33.82
CA PHE E 295 -14.25 -1.72 33.18
C PHE E 295 -13.96 -1.77 31.69
N PHE E 296 -13.90 -0.60 31.03
CA PHE E 296 -13.59 -0.56 29.60
C PHE E 296 -12.24 -1.19 29.33
N TYR E 297 -11.22 -0.78 30.07
CA TYR E 297 -9.89 -1.31 29.80
C TYR E 297 -9.72 -2.74 30.30
N CYS E 298 -10.52 -3.19 31.27
CA CYS E 298 -10.49 -4.60 31.64
C CYS E 298 -11.10 -5.48 30.55
N ASP E 299 -12.20 -5.02 29.94
CA ASP E 299 -12.75 -5.72 28.79
C ASP E 299 -11.75 -5.72 27.63
N MET E 300 -11.04 -4.60 27.45
CA MET E 300 -9.98 -4.56 26.45
C MET E 300 -8.89 -5.58 26.74
N LEU E 301 -8.49 -5.71 28.01
CA LEU E 301 -7.49 -6.70 28.39
C LEU E 301 -7.98 -8.11 28.11
N LYS E 302 -9.27 -8.39 28.39
CA LYS E 302 -9.82 -9.70 28.10
C LYS E 302 -9.79 -10.00 26.61
N ILE E 303 -10.19 -9.03 25.78
CA ILE E 303 -10.18 -9.22 24.33
C ILE E 303 -8.76 -9.43 23.83
N ALA E 304 -7.82 -8.60 24.30
CA ALA E 304 -6.44 -8.71 23.87
C ALA E 304 -5.82 -10.01 24.31
N SER E 305 -6.16 -10.50 25.51
CA SER E 305 -5.63 -11.77 25.97
C SER E 305 -6.19 -12.94 25.16
N MET E 306 -7.47 -12.88 24.81
CA MET E 306 -8.04 -13.92 23.96
C MET E 306 -7.37 -13.94 22.58
N HIS E 307 -7.18 -12.76 21.98
CA HIS E 307 -6.54 -12.70 20.68
C HIS E 307 -5.07 -13.14 20.76
N SER E 308 -4.38 -12.77 21.84
CA SER E 308 -3.00 -13.20 22.02
C SER E 308 -2.89 -14.70 22.21
N GLN E 309 -3.84 -15.29 22.95
CA GLN E 309 -3.86 -16.74 23.09
C GLN E 309 -4.05 -17.42 21.75
N GLN E 310 -4.99 -16.92 20.95
CA GLN E 310 -5.20 -17.49 19.61
C GLN E 310 -3.97 -17.34 18.74
N ILE E 311 -3.34 -16.17 18.76
CA ILE E 311 -2.16 -15.91 17.92
C ILE E 311 -1.00 -16.80 18.34
N ARG E 312 -0.77 -16.94 19.66
CA ARG E 312 0.35 -17.73 20.14
C ARG E 312 0.13 -19.21 19.88
N LYS E 313 -1.10 -19.69 20.04
CA LYS E 313 -1.39 -21.09 19.70
C LYS E 313 -1.18 -21.34 18.22
N MET E 314 -1.62 -20.40 17.37
CA MET E 314 -1.41 -20.52 15.93
C MET E 314 0.08 -20.53 15.59
N GLU E 315 0.85 -19.66 16.23
CA GLU E 315 2.29 -19.58 15.95
C GLU E 315 3.00 -20.85 16.40
N HIS E 316 2.62 -21.39 17.56
CA HIS E 316 3.21 -22.63 18.03
C HIS E 316 2.88 -23.79 17.08
N ALA E 317 1.62 -23.85 16.63
CA ALA E 317 1.25 -24.90 15.67
C ALA E 317 2.02 -24.76 14.36
N GLY E 318 2.20 -23.53 13.89
CA GLY E 318 2.95 -23.32 12.67
C GLY E 318 4.42 -23.68 12.81
N ALA E 319 5.03 -23.28 13.93
CA ALA E 319 6.44 -23.57 14.15
C ALA E 319 6.71 -25.04 14.47
N MET E 320 5.70 -25.78 14.93
CA MET E 320 5.88 -27.21 15.14
C MET E 320 6.10 -27.94 13.82
N ALA E 321 5.47 -27.47 12.74
CA ALA E 321 5.69 -28.02 11.41
C ALA E 321 6.65 -27.18 10.57
N GLY E 322 7.24 -26.14 11.16
CA GLY E 322 8.18 -25.28 10.47
C GLY E 322 9.64 -25.57 10.77
N GLY E 323 9.94 -26.64 11.49
CA GLY E 323 11.31 -26.95 11.85
C GLY E 323 11.84 -26.23 13.06
N TYR E 324 11.05 -25.34 13.66
CA TYR E 324 11.47 -24.62 14.87
C TYR E 324 10.99 -25.42 16.07
N ARG E 325 11.93 -26.13 16.71
CA ARG E 325 11.57 -27.00 17.83
C ARG E 325 11.11 -26.20 19.05
N SER E 326 11.70 -25.03 19.27
CA SER E 326 11.34 -24.20 20.41
C SER E 326 10.48 -23.03 19.94
N PRO E 327 9.18 -23.02 20.21
CA PRO E 327 8.34 -21.90 19.78
C PRO E 327 8.54 -20.68 20.66
N ARG E 328 8.06 -19.54 20.16
CA ARG E 328 8.15 -18.27 20.87
C ARG E 328 6.95 -18.12 21.81
N THR E 329 6.92 -18.99 22.82
CA THR E 329 5.82 -19.01 23.77
C THR E 329 5.89 -17.91 24.83
N PRO E 330 7.03 -17.70 25.55
CA PRO E 330 7.01 -16.65 26.59
C PRO E 330 7.15 -15.26 26.00
N SER E 331 6.04 -14.53 25.95
CA SER E 331 6.01 -13.18 25.36
C SER E 331 4.67 -12.55 25.73
N ASP E 332 4.38 -11.40 25.10
CA ASP E 332 3.09 -10.72 25.15
C ASP E 332 2.74 -10.29 26.58
N PHE E 333 3.64 -9.53 27.18
CA PHE E 333 3.33 -8.73 28.35
C PHE E 333 2.89 -7.32 27.96
N LYS E 334 2.82 -7.03 26.66
CA LYS E 334 2.56 -5.67 26.20
C LYS E 334 1.15 -5.21 26.56
N ALA E 335 0.16 -6.09 26.43
CA ALA E 335 -1.21 -5.70 26.75
C ALA E 335 -1.36 -5.36 28.23
N LEU E 336 -0.84 -6.23 29.09
CA LEU E 336 -0.89 -5.95 30.53
C LEU E 336 -0.13 -4.70 30.88
N ARG E 337 1.06 -4.52 30.29
CA ARG E 337 1.86 -3.34 30.60
C ARG E 337 1.16 -2.05 30.18
N THR E 338 0.58 -2.04 28.96
CA THR E 338 -0.08 -0.84 28.47
C THR E 338 -1.33 -0.52 29.28
N VAL E 339 -2.17 -1.53 29.55
CA VAL E 339 -3.37 -1.29 30.32
C VAL E 339 -3.03 -0.85 31.73
N SER E 340 -2.01 -1.48 32.34
CA SER E 340 -1.61 -1.11 33.69
C SER E 340 -1.06 0.31 33.75
N VAL E 341 -0.23 0.70 32.78
CA VAL E 341 0.33 2.05 32.82
C VAL E 341 -0.75 3.08 32.58
N LEU E 342 -1.71 2.80 31.69
CA LEU E 342 -2.81 3.74 31.47
C LEU E 342 -3.69 3.88 32.70
N ILE E 343 -4.08 2.76 33.30
CA ILE E 343 -4.92 2.80 34.50
C ILE E 343 -4.20 3.48 35.66
N GLY E 344 -2.93 3.14 35.86
CA GLY E 344 -2.17 3.77 36.92
C GLY E 344 -1.93 5.24 36.70
N SER E 345 -1.76 5.65 35.45
CA SER E 345 -1.64 7.08 35.14
C SER E 345 -2.92 7.81 35.51
N PHE E 346 -4.06 7.29 35.03
CA PHE E 346 -5.33 7.98 35.31
C PHE E 346 -5.72 7.88 36.78
N ALA E 347 -5.17 6.92 37.53
CA ALA E 347 -5.42 6.83 38.96
C ALA E 347 -4.55 7.80 39.74
N LEU E 348 -3.23 7.67 39.60
CA LEU E 348 -2.29 8.52 40.34
C LEU E 348 -2.43 9.98 39.91
N SER E 349 -3.09 10.23 38.79
CA SER E 349 -3.38 11.58 38.36
C SER E 349 -4.28 12.33 39.32
N TRP E 350 -5.43 11.73 39.66
CA TRP E 350 -6.46 12.47 40.38
C TRP E 350 -7.07 11.74 41.56
N THR E 351 -7.09 10.41 41.59
CA THR E 351 -7.72 9.69 42.69
C THR E 351 -7.16 10.05 44.07
N PRO E 352 -5.85 10.19 44.29
CA PRO E 352 -5.39 10.66 45.60
C PRO E 352 -5.96 12.01 46.00
N PHE E 353 -6.08 12.95 45.05
CA PHE E 353 -6.60 14.28 45.35
C PHE E 353 -8.02 14.20 45.92
N LEU E 354 -8.92 13.54 45.20
CA LEU E 354 -10.30 13.44 45.66
C LEU E 354 -10.40 12.60 46.93
N ILE E 355 -9.56 11.58 47.08
CA ILE E 355 -9.61 10.75 48.27
C ILE E 355 -9.24 11.55 49.51
N THR E 356 -8.14 12.33 49.45
CA THR E 356 -7.80 13.12 50.63
C THR E 356 -8.75 14.29 50.80
N GLY E 357 -9.38 14.77 49.72
CA GLY E 357 -10.40 15.80 49.86
C GLY E 357 -11.60 15.31 50.66
N ILE E 358 -12.11 14.12 50.32
CA ILE E 358 -13.24 13.61 51.08
C ILE E 358 -12.81 13.15 52.46
N VAL E 359 -11.53 12.81 52.64
CA VAL E 359 -11.02 12.54 53.99
C VAL E 359 -11.06 13.82 54.83
N GLN E 360 -10.61 14.93 54.26
CA GLN E 360 -10.59 16.20 54.99
C GLN E 360 -11.99 16.70 55.29
N VAL E 361 -12.92 16.55 54.33
CA VAL E 361 -14.28 17.04 54.51
C VAL E 361 -15.09 16.19 55.48
N ALA E 362 -14.52 15.13 56.03
CA ALA E 362 -15.22 14.21 56.92
C ALA E 362 -15.32 14.71 58.36
N CYS E 363 -15.21 16.03 58.57
CA CYS E 363 -15.30 16.65 59.89
C CYS E 363 -14.20 16.17 60.83
N GLN E 364 -13.04 15.82 60.26
CA GLN E 364 -11.85 15.45 61.01
C GLN E 364 -10.77 16.45 60.64
N GLU E 365 -10.67 17.53 61.41
CA GLU E 365 -9.78 18.63 61.07
C GLU E 365 -8.34 18.20 61.35
N CYS E 366 -7.50 18.27 60.32
CA CYS E 366 -6.09 17.85 60.46
C CYS E 366 -5.14 18.80 59.74
N HIS E 367 -5.61 19.98 59.32
CA HIS E 367 -4.80 20.99 58.63
C HIS E 367 -4.11 20.42 57.39
N LEU E 368 -4.89 19.69 56.58
CA LEU E 368 -4.38 19.14 55.34
C LEU E 368 -4.56 20.09 54.15
N TYR E 369 -5.03 21.31 54.40
CA TYR E 369 -5.37 22.24 53.32
C TYR E 369 -4.18 22.55 52.42
N LEU E 370 -3.02 22.83 53.02
CA LEU E 370 -1.85 23.20 52.26
C LEU E 370 -1.38 22.06 51.36
N VAL E 371 -1.30 20.85 51.92
CA VAL E 371 -0.98 19.68 51.11
C VAL E 371 -2.08 19.40 50.10
N LEU E 372 -3.34 19.63 50.49
CA LEU E 372 -4.47 19.43 49.59
C LEU E 372 -4.37 20.31 48.36
N GLU E 373 -3.86 21.53 48.49
CA GLU E 373 -3.89 22.48 47.39
C GLU E 373 -2.56 22.66 46.66
N ARG E 374 -1.42 22.22 47.24
CA ARG E 374 -0.15 22.41 46.55
C ARG E 374 0.75 21.19 46.60
N TYR E 375 0.22 20.01 46.91
CA TYR E 375 1.05 18.81 46.87
C TYR E 375 0.38 17.66 46.12
N LEU E 376 -0.95 17.66 46.05
CA LEU E 376 -1.65 16.77 45.12
C LEU E 376 -2.06 17.50 43.85
N TRP E 377 -2.15 18.83 43.90
CA TRP E 377 -2.31 19.61 42.70
C TRP E 377 -1.14 19.40 41.74
N LEU E 378 0.05 19.15 42.30
CA LEU E 378 1.21 18.83 41.46
C LEU E 378 0.99 17.52 40.72
N LEU E 379 0.38 16.53 41.38
CA LEU E 379 0.01 15.30 40.68
C LEU E 379 -1.01 15.57 39.59
N GLY E 380 -2.01 16.40 39.90
CA GLY E 380 -3.04 16.71 38.93
C GLY E 380 -2.49 17.41 37.69
N VAL E 381 -1.49 18.27 37.86
CA VAL E 381 -0.94 18.99 36.71
C VAL E 381 0.15 18.18 36.05
N GLY E 382 0.76 17.23 36.77
CA GLY E 382 1.68 16.30 36.13
C GLY E 382 0.95 15.28 35.29
N ASN E 383 -0.33 15.08 35.57
CA ASN E 383 -1.19 14.33 34.66
C ASN E 383 -1.20 14.98 33.29
N SER E 384 -1.24 16.31 33.25
CA SER E 384 -1.24 17.05 31.99
C SER E 384 0.07 16.93 31.24
N LEU E 385 1.17 16.59 31.91
CA LEU E 385 2.42 16.28 31.24
C LEU E 385 2.52 14.83 30.81
N LEU E 386 2.01 13.91 31.63
CA LEU E 386 2.09 12.48 31.34
C LEU E 386 1.12 12.05 30.25
N ASN E 387 -0.01 12.75 30.11
CA ASN E 387 -1.00 12.36 29.11
C ASN E 387 -0.52 12.46 27.66
N PRO E 388 0.12 13.55 27.20
CA PRO E 388 0.61 13.56 25.81
C PRO E 388 1.69 12.54 25.53
N LEU E 389 2.44 12.11 26.54
CA LEU E 389 3.50 11.14 26.31
C LEU E 389 2.95 9.75 26.04
N ILE E 390 1.74 9.46 26.52
CA ILE E 390 1.16 8.12 26.40
C ILE E 390 -0.09 8.09 25.53
N TYR E 391 -0.63 9.24 25.13
CA TYR E 391 -1.77 9.27 24.22
C TYR E 391 -1.41 9.81 22.83
N ALA E 392 -0.32 10.56 22.71
CA ALA E 392 0.16 11.05 21.42
C ALA E 392 1.53 10.51 21.08
N TYR E 393 2.51 10.67 21.97
CA TYR E 393 3.86 10.21 21.69
C TYR E 393 3.93 8.69 21.54
N TRP E 394 3.03 7.97 22.22
CA TRP E 394 3.03 6.51 22.12
C TRP E 394 2.55 6.03 20.76
N GLN E 395 1.62 6.77 20.14
CA GLN E 395 1.12 6.37 18.83
C GLN E 395 2.22 6.49 17.77
N LYS E 396 2.34 5.46 16.93
CA LYS E 396 3.48 5.36 16.03
C LYS E 396 3.45 6.45 14.97
N GLU E 397 2.28 6.73 14.40
CA GLU E 397 2.17 7.75 13.37
C GLU E 397 2.50 9.12 13.94
N VAL E 398 1.97 9.43 15.13
CA VAL E 398 2.27 10.70 15.77
C VAL E 398 3.74 10.78 16.18
N ARG E 399 4.32 9.65 16.59
CA ARG E 399 5.75 9.63 16.90
C ARG E 399 6.59 9.94 15.67
N LEU E 400 6.23 9.35 14.52
CA LEU E 400 6.94 9.63 13.28
C LEU E 400 6.77 11.09 12.86
N GLN E 401 5.57 11.65 13.07
CA GLN E 401 5.36 13.06 12.77
C GLN E 401 6.21 13.95 13.67
N LEU E 402 6.33 13.57 14.96
CA LEU E 402 7.20 14.30 15.87
C LEU E 402 8.65 14.26 15.40
N TYR E 403 9.11 13.08 14.97
CA TYR E 403 10.47 12.96 14.47
C TYR E 403 10.69 13.78 13.21
N HIS E 404 9.70 13.79 12.31
CA HIS E 404 9.78 14.58 11.08
C HIS E 404 9.88 16.07 11.42
N MET E 405 9.03 16.53 12.33
CA MET E 405 9.05 17.94 12.71
C MET E 405 10.37 18.31 13.39
N ALA E 406 10.88 17.44 14.26
CA ALA E 406 12.14 17.70 14.94
C ALA E 406 13.30 17.78 13.95
N LEU E 407 13.34 16.85 12.99
CA LEU E 407 14.37 16.89 11.97
C LEU E 407 14.26 18.14 11.10
N GLY E 408 13.03 18.56 10.79
CA GLY E 408 12.85 19.74 9.98
C GLY E 408 13.29 21.01 10.69
N VAL E 409 12.96 21.14 11.97
CA VAL E 409 13.28 22.36 12.71
C VAL E 409 14.71 22.36 13.27
N LYS E 410 15.36 21.20 13.33
CA LYS E 410 16.73 21.16 13.85
C LYS E 410 17.71 21.80 12.87
N LYS E 411 17.52 21.57 11.57
CA LYS E 411 18.42 22.15 10.58
C LYS E 411 18.19 23.65 10.44
N VAL E 412 16.94 24.11 10.59
CA VAL E 412 16.63 25.52 10.47
C VAL E 412 17.07 26.27 11.71
#